data_3VGW
#
_entry.id   3VGW
#
_cell.length_a   116.010
_cell.length_b   81.224
_cell.length_c   74.410
_cell.angle_alpha   90.000
_cell.angle_beta   92.470
_cell.angle_gamma   90.000
#
_symmetry.space_group_name_H-M   'P 1 21 1'
#
loop_
_entity.id
_entity.type
_entity.pdbx_description
1 polymer Avidin
2 non-polymer '5-[(3aS,4S,6aR)-1-acetyl-2-oxohexahydro-1H-thieno[3,4-d]imidazol-4-yl]pentanoic acid'
3 non-polymer 2-acetamido-2-deoxy-beta-D-glucopyranose
4 non-polymer 'SULFATE ION'
5 water water
#
_entity_poly.entity_id   1
_entity_poly.type   'polypeptide(L)'
_entity_poly.pdbx_seq_one_letter_code
;ARKCSLTGKWTNDLGSNMTIGAVNSRGEFTGTYITAVTATSNEIKESPLHGTQNTINKRTQPTFGFTVNWKFSESTTVFT
GQCFIDRNGKEVLKTMWLLRSSVNDIGDDWKATRVGINIFTRL
;
_entity_poly.pdbx_strand_id   A,B,C,D,E,F,G,H
#
# COMPACT_ATOMS: atom_id res chain seq x y z
N ALA A 1 23.00 41.74 12.53
CA ALA A 1 22.30 40.57 11.99
C ALA A 1 21.12 40.18 12.91
N ARG A 2 19.90 39.98 12.36
CA ARG A 2 18.73 39.63 13.18
C ARG A 2 19.02 38.25 13.82
N LYS A 3 18.38 37.91 14.93
CA LYS A 3 18.39 36.46 15.39
C LYS A 3 17.21 35.80 14.69
N CYS A 4 17.45 34.64 14.09
CA CYS A 4 16.37 33.92 13.40
C CYS A 4 15.71 33.13 14.47
N SER A 5 14.40 33.31 14.55
CA SER A 5 13.60 32.63 15.56
C SER A 5 12.60 31.63 14.93
N LEU A 6 12.39 30.48 15.56
CA LEU A 6 11.49 29.51 14.96
C LEU A 6 10.02 29.81 15.27
N THR A 7 9.77 30.69 16.21
CA THR A 7 8.37 30.90 16.66
C THR A 7 7.63 31.66 15.64
N GLY A 8 6.42 31.17 15.33
CA GLY A 8 5.62 31.75 14.32
C GLY A 8 4.87 30.80 13.43
N LYS A 9 4.17 31.36 12.47
CA LYS A 9 3.49 30.52 11.49
C LYS A 9 4.26 30.54 10.19
N TRP A 10 4.49 29.33 9.65
CA TRP A 10 5.32 29.14 8.43
C TRP A 10 4.59 28.41 7.34
N THR A 11 5.01 28.58 6.09
CA THR A 11 4.47 27.81 4.99
C THR A 11 5.62 27.32 4.10
N ASN A 12 5.35 26.23 3.41
CA ASN A 12 6.41 25.63 2.59
C ASN A 12 6.10 25.68 1.20
N ASP A 13 7.10 25.16 0.51
CA ASP A 13 7.05 25.29 -0.89
C ASP A 13 5.96 24.43 -1.55
N LEU A 14 5.30 23.50 -0.80
CA LEU A 14 4.13 22.70 -1.27
C LEU A 14 2.74 23.12 -0.70
N GLY A 15 2.72 24.24 0.07
CA GLY A 15 1.50 24.77 0.66
C GLY A 15 1.15 24.29 2.06
N SER A 16 2.03 23.42 2.59
CA SER A 16 1.82 22.99 3.99
C SER A 16 2.09 24.11 4.97
N ASN A 17 1.40 24.17 6.09
CA ASN A 17 1.67 25.17 7.09
C ASN A 17 2.04 24.58 8.40
N MET A 18 2.88 25.28 9.13
CA MET A 18 3.12 24.79 10.50
C MET A 18 3.13 25.98 11.45
N THR A 19 2.79 25.76 12.72
CA THR A 19 2.89 26.87 13.68
C THR A 19 3.76 26.43 14.80
N ILE A 20 4.79 27.19 15.19
CA ILE A 20 5.64 26.80 16.31
C ILE A 20 5.49 27.86 17.35
N GLY A 21 5.44 27.39 18.57
CA GLY A 21 5.23 28.25 19.75
C GLY A 21 6.55 28.72 20.31
N ALA A 22 6.53 29.18 21.56
CA ALA A 22 7.74 29.75 22.15
C ALA A 22 8.80 28.70 22.33
N VAL A 23 10.04 29.11 22.20
CA VAL A 23 11.14 28.21 22.43
C VAL A 23 11.62 28.46 23.87
N ASN A 24 11.66 27.42 24.67
CA ASN A 24 12.09 27.60 26.12
C ASN A 24 13.65 27.67 26.29
N SER A 25 14.10 27.92 27.52
CA SER A 25 15.52 28.21 27.66
C SER A 25 16.33 26.91 27.43
N ARG A 26 15.69 25.75 27.42
CA ARG A 26 16.38 24.49 27.02
C ARG A 26 16.33 24.21 25.51
N GLY A 27 15.74 25.12 24.74
CA GLY A 27 15.65 25.05 23.28
C GLY A 27 14.41 24.28 22.85
N GLU A 28 13.52 23.91 23.76
CA GLU A 28 12.36 23.06 23.35
C GLU A 28 11.25 23.81 22.82
N PHE A 29 10.53 23.28 21.80
CA PHE A 29 9.33 23.90 21.31
C PHE A 29 8.33 22.86 20.87
N THR A 30 7.09 23.33 20.87
CA THR A 30 5.96 22.50 20.39
C THR A 30 5.30 23.26 19.26
N GLY A 31 4.60 22.52 18.41
CA GLY A 31 3.90 23.20 17.31
C GLY A 31 2.78 22.28 16.80
N THR A 32 2.23 22.73 15.69
CA THR A 32 1.23 21.96 14.87
C THR A 32 1.65 22.02 13.41
N TYR A 33 1.37 20.95 12.69
CA TYR A 33 1.69 20.91 11.24
C TYR A 33 0.39 20.52 10.51
N ILE A 34 0.07 21.27 9.48
CA ILE A 34 -1.07 20.93 8.61
C ILE A 34 -0.52 20.66 7.21
N THR A 35 -0.34 19.38 6.84
CA THR A 35 0.23 19.04 5.52
C THR A 35 -0.77 19.24 4.34
N ALA A 36 -0.29 19.81 3.26
CA ALA A 36 -1.10 19.96 2.07
C ALA A 36 -1.17 18.60 1.32
N VAL A 37 -0.32 17.66 1.62
CA VAL A 37 -0.16 16.48 0.81
C VAL A 37 0.04 15.32 1.74
N THR A 38 -0.32 14.13 1.24
CA THR A 38 -0.23 12.92 2.06
C THR A 38 0.06 11.76 1.19
N ALA A 39 0.68 10.74 1.79
CA ALA A 39 0.90 9.50 1.01
C ALA A 39 -0.17 8.47 1.37
N THR A 40 -1.25 8.87 2.11
CA THR A 40 -2.29 7.87 2.56
C THR A 40 -3.57 8.24 1.85
N SER A 41 -4.65 7.45 2.04
CA SER A 41 -5.96 7.91 1.52
C SER A 41 -6.84 8.35 2.69
N ASN A 42 -6.18 8.76 3.77
CA ASN A 42 -6.93 9.23 4.94
C ASN A 42 -7.13 10.68 4.92
N GLU A 43 -8.18 11.13 5.65
CA GLU A 43 -8.43 12.51 5.79
C GLU A 43 -7.19 13.12 6.58
N ILE A 44 -6.66 14.17 5.98
CA ILE A 44 -5.51 14.92 6.70
C ILE A 44 -6.06 15.60 7.93
N LYS A 45 -5.36 15.57 9.07
CA LYS A 45 -5.76 16.30 10.22
C LYS A 45 -4.45 17.03 10.68
N GLU A 46 -4.64 18.17 11.32
CA GLU A 46 -3.52 18.90 12.01
C GLU A 46 -2.86 17.94 12.96
N SER A 47 -1.50 17.93 12.99
CA SER A 47 -0.81 16.95 13.82
C SER A 47 0.21 17.71 14.67
N PRO A 48 0.53 17.21 15.86
CA PRO A 48 1.54 17.87 16.72
C PRO A 48 2.96 17.67 16.24
N LEU A 49 3.80 18.64 16.61
CA LEU A 49 5.25 18.43 16.42
C LEU A 49 5.95 18.94 17.64
N HIS A 50 7.15 18.38 17.89
CA HIS A 50 7.99 18.71 19.01
C HIS A 50 9.41 18.70 18.57
N GLY A 51 10.21 19.66 19.06
CA GLY A 51 11.59 19.61 18.67
C GLY A 51 12.41 20.54 19.51
N THR A 52 13.62 20.72 19.10
CA THR A 52 14.56 21.60 19.81
C THR A 52 15.40 22.38 18.81
N GLN A 53 15.80 23.58 19.33
CA GLN A 53 16.78 24.38 18.64
C GLN A 53 18.08 24.24 19.42
N ASN A 54 19.21 24.23 18.71
CA ASN A 54 20.50 24.16 19.36
C ASN A 54 20.88 25.55 19.80
N THR A 55 21.26 25.64 21.09
CA THR A 55 21.61 26.97 21.67
C THR A 55 23.07 27.10 21.96
N ILE A 56 23.90 26.17 21.50
CA ILE A 56 25.34 26.25 21.69
C ILE A 56 25.95 27.44 20.98
N ASN A 57 26.70 28.25 21.80
CA ASN A 57 27.24 29.53 21.32
C ASN A 57 26.22 30.57 20.95
N LYS A 58 24.95 30.35 21.32
CA LYS A 58 23.80 31.25 21.04
C LYS A 58 23.87 31.82 19.67
N ARG A 59 23.97 30.94 18.65
CA ARG A 59 24.10 31.43 17.28
C ARG A 59 22.84 32.16 16.83
N THR A 60 23.05 33.15 15.93
CA THR A 60 21.85 33.88 15.50
C THR A 60 21.13 33.05 14.39
N GLN A 61 21.79 32.00 13.88
CA GLN A 61 21.09 31.19 12.86
C GLN A 61 21.21 29.76 13.33
N PRO A 62 20.40 29.38 14.30
CA PRO A 62 20.66 28.08 14.96
C PRO A 62 20.15 26.89 14.09
N THR A 63 20.81 25.75 14.29
CA THR A 63 20.19 24.45 13.78
C THR A 63 19.06 24.01 14.70
N PHE A 64 18.26 23.10 14.21
CA PHE A 64 17.15 22.61 14.98
C PHE A 64 16.64 21.30 14.36
N GLY A 65 15.82 20.59 15.11
CA GLY A 65 15.12 19.41 14.51
C GLY A 65 13.79 19.28 15.19
N PHE A 66 12.87 18.63 14.52
CA PHE A 66 11.58 18.28 15.17
C PHE A 66 10.94 17.08 14.51
N THR A 67 10.06 16.45 15.29
CA THR A 67 9.33 15.22 14.85
C THR A 67 7.89 15.62 14.72
N VAL A 68 7.30 15.20 13.60
CA VAL A 68 5.79 15.40 13.43
C VAL A 68 5.12 14.06 13.63
N ASN A 69 4.20 14.03 14.67
CA ASN A 69 3.55 12.80 15.05
C ASN A 69 2.16 12.78 14.37
N TRP A 70 2.15 12.27 13.11
CA TRP A 70 0.94 12.40 12.25
C TRP A 70 -0.23 11.73 12.97
N LYS A 71 -1.40 12.36 12.91
CA LYS A 71 -2.61 11.87 13.69
C LYS A 71 -3.50 11.21 12.68
N PHE A 72 -3.07 11.00 11.44
CA PHE A 72 -3.92 10.35 10.39
C PHE A 72 -3.19 9.30 9.62
N SER A 73 -2.01 8.85 10.11
CA SER A 73 -1.29 7.83 9.43
C SER A 73 -0.46 7.12 10.53
N GLU A 74 0.20 6.04 10.21
CA GLU A 74 1.06 5.32 11.18
C GLU A 74 2.50 5.73 11.04
N SER A 75 2.67 6.67 10.16
CA SER A 75 4.03 7.18 9.82
C SER A 75 4.46 8.27 10.78
N THR A 76 5.80 8.53 10.66
CA THR A 76 6.45 9.65 11.43
C THR A 76 7.38 10.42 10.50
N THR A 77 7.37 11.75 10.57
CA THR A 77 8.42 12.55 9.83
C THR A 77 9.31 13.23 10.81
N VAL A 78 10.61 13.29 10.46
CA VAL A 78 11.52 14.16 11.20
C VAL A 78 12.08 15.17 10.23
N PHE A 79 12.26 16.40 10.72
CA PHE A 79 12.83 17.49 9.98
C PHE A 79 14.06 18.04 10.71
N THR A 80 15.09 18.41 9.97
CA THR A 80 16.21 19.09 10.66
C THR A 80 16.78 20.16 9.68
N GLY A 81 17.29 21.25 10.23
CA GLY A 81 17.74 22.29 9.29
C GLY A 81 18.30 23.46 10.12
N GLN A 82 18.31 24.65 9.47
CA GLN A 82 18.92 25.81 10.12
C GLN A 82 17.97 26.94 9.79
N CYS A 83 17.81 27.83 10.76
CA CYS A 83 17.01 29.11 10.65
C CYS A 83 18.00 30.14 10.17
N PHE A 84 17.87 30.56 8.91
CA PHE A 84 18.77 31.57 8.35
C PHE A 84 18.09 32.89 8.16
N ILE A 85 18.95 33.92 8.22
CA ILE A 85 18.46 35.21 7.64
C ILE A 85 18.95 35.20 6.20
N ASP A 86 18.01 35.34 5.28
CA ASP A 86 18.31 35.27 3.85
C ASP A 86 19.02 36.52 3.35
N ARG A 87 19.49 36.50 2.11
CA ARG A 87 20.16 37.65 1.52
C ARG A 87 19.28 38.91 1.57
N ASN A 88 17.97 38.70 1.52
CA ASN A 88 16.97 39.82 1.55
C ASN A 88 16.50 40.21 2.98
N GLY A 89 17.11 39.56 4.00
CA GLY A 89 16.78 39.89 5.39
C GLY A 89 15.64 39.21 6.05
N LYS A 90 14.94 38.38 5.28
CA LYS A 90 13.83 37.58 5.76
C LYS A 90 14.32 36.32 6.46
N GLU A 91 13.58 35.87 7.45
CA GLU A 91 13.89 34.51 8.00
C GLU A 91 13.53 33.45 7.01
N VAL A 92 14.28 32.33 6.99
CA VAL A 92 13.92 31.23 6.11
C VAL A 92 14.40 29.95 6.84
N LEU A 93 13.59 28.92 6.83
CA LEU A 93 14.13 27.64 7.40
C LEU A 93 14.49 26.76 6.24
N LYS A 94 15.76 26.29 6.22
CA LYS A 94 16.17 25.36 5.12
C LYS A 94 16.29 24.01 5.81
N THR A 95 15.44 23.06 5.43
CA THR A 95 15.37 21.77 6.12
C THR A 95 15.40 20.59 5.13
N MET A 96 15.79 19.48 5.74
CA MET A 96 15.71 18.13 5.10
C MET A 96 14.85 17.27 6.05
N TRP A 97 14.17 16.28 5.43
CA TRP A 97 13.27 15.45 6.23
C TRP A 97 13.47 13.95 5.86
N LEU A 98 13.07 13.07 6.77
CA LEU A 98 12.91 11.63 6.50
C LEU A 98 11.49 11.32 6.93
N LEU A 99 10.73 10.66 6.01
CA LEU A 99 9.35 10.18 6.30
C LEU A 99 9.46 8.66 6.43
N ARG A 100 9.16 8.18 7.63
CA ARG A 100 9.29 6.77 7.95
C ARG A 100 7.93 6.09 7.94
N SER A 101 7.72 5.22 6.96
CA SER A 101 6.41 4.48 6.82
C SER A 101 6.54 3.32 7.78
N SER A 102 5.35 2.77 8.15
CA SER A 102 5.28 1.53 8.94
C SER A 102 5.30 0.34 8.03
N VAL A 103 6.15 -0.60 8.29
CA VAL A 103 6.07 -1.89 7.53
C VAL A 103 5.65 -2.96 8.50
N ASN A 104 5.14 -4.08 7.97
CA ASN A 104 4.77 -5.17 8.84
C ASN A 104 5.78 -6.16 9.16
N ASP A 105 6.72 -6.35 8.25
CA ASP A 105 7.82 -7.29 8.44
C ASP A 105 9.15 -6.55 8.45
N ILE A 106 10.07 -7.03 9.30
CA ILE A 106 11.38 -6.40 9.43
C ILE A 106 12.17 -6.52 8.11
N GLY A 107 11.94 -7.59 7.32
CA GLY A 107 12.56 -7.73 6.02
C GLY A 107 12.31 -6.61 5.04
N ASP A 108 11.22 -5.85 5.23
CA ASP A 108 10.88 -4.77 4.32
C ASP A 108 11.41 -3.39 4.88
N ASP A 109 12.20 -3.42 5.95
CA ASP A 109 12.60 -2.12 6.58
C ASP A 109 13.35 -1.26 5.53
N TRP A 110 14.11 -1.87 4.63
CA TRP A 110 14.81 -1.11 3.62
C TRP A 110 13.95 -0.23 2.76
N LYS A 111 12.65 -0.48 2.56
CA LYS A 111 11.89 0.42 1.70
C LYS A 111 11.04 1.40 2.43
N ALA A 112 11.27 1.53 3.77
CA ALA A 112 10.45 2.37 4.61
C ALA A 112 10.75 3.86 4.78
N THR A 113 11.86 4.34 4.23
CA THR A 113 12.30 5.71 4.50
C THR A 113 12.48 6.57 3.26
N ARG A 114 11.61 7.56 3.11
CA ARG A 114 11.71 8.56 2.03
C ARG A 114 12.46 9.79 2.54
N VAL A 115 13.08 10.51 1.63
CA VAL A 115 13.91 11.70 2.04
C VAL A 115 13.54 12.84 1.12
N GLY A 116 13.65 14.07 1.59
CA GLY A 116 13.47 15.22 0.74
C GLY A 116 13.89 16.50 1.44
N ILE A 117 13.60 17.60 0.79
CA ILE A 117 13.87 18.94 1.32
C ILE A 117 12.58 19.70 1.57
N ASN A 118 12.64 20.72 2.44
CA ASN A 118 11.57 21.74 2.43
C ASN A 118 12.16 23.08 2.83
N ILE A 119 11.66 24.14 2.19
CA ILE A 119 12.05 25.44 2.65
C ILE A 119 10.78 26.13 3.20
N PHE A 120 10.91 26.72 4.36
CA PHE A 120 9.75 27.40 4.98
C PHE A 120 10.02 28.86 5.09
N THR A 121 8.91 29.65 4.87
CA THR A 121 8.98 31.12 5.01
C THR A 121 7.81 31.47 5.91
N ARG A 122 7.91 32.59 6.60
CA ARG A 122 6.89 32.98 7.58
C ARG A 122 5.60 33.48 6.91
N LEU A 123 4.46 33.05 7.44
CA LEU A 123 3.13 33.52 6.92
C LEU A 123 2.61 34.45 7.99
N LYS B 3 3.14 -3.71 21.46
CA LYS B 3 4.02 -4.16 22.52
C LYS B 3 5.55 -3.93 22.38
N CYS B 4 6.04 -3.40 21.22
CA CYS B 4 7.49 -2.99 21.19
C CYS B 4 7.50 -1.64 21.77
N SER B 5 8.34 -1.46 22.82
CA SER B 5 8.37 -0.23 23.61
C SER B 5 9.79 0.39 23.47
N LEU B 6 9.80 1.71 23.29
CA LEU B 6 11.04 2.47 23.18
C LEU B 6 11.72 2.67 24.53
N THR B 7 10.94 2.45 25.63
CA THR B 7 11.56 2.76 26.96
C THR B 7 12.66 1.78 27.34
N GLY B 8 13.80 2.29 27.76
CA GLY B 8 14.92 1.42 28.04
C GLY B 8 16.26 2.09 27.82
N LYS B 9 17.31 1.33 27.98
CA LYS B 9 18.65 1.71 27.59
C LYS B 9 19.05 0.89 26.37
N TRP B 10 19.63 1.62 25.40
CA TRP B 10 19.98 1.01 24.03
C TRP B 10 21.38 1.33 23.69
N THR B 11 21.97 0.50 22.82
CA THR B 11 23.25 0.77 22.28
C THR B 11 23.25 0.50 20.79
N ASN B 12 24.16 1.08 20.10
CA ASN B 12 23.96 0.92 18.64
C ASN B 12 25.11 0.29 18.19
N ASP B 13 25.08 0.25 16.86
CA ASP B 13 26.08 -0.52 16.23
C ASP B 13 27.49 0.04 16.29
N LEU B 14 27.73 1.38 16.54
CA LEU B 14 28.97 2.09 16.75
C LEU B 14 29.44 2.29 18.24
N GLY B 15 28.68 1.76 19.18
CA GLY B 15 29.02 1.87 20.61
C GLY B 15 28.40 3.05 21.36
N SER B 16 27.61 3.88 20.67
CA SER B 16 26.81 4.86 21.37
C SER B 16 25.71 4.33 22.19
N ASN B 17 25.40 5.00 23.31
CA ASN B 17 24.26 4.56 24.10
C ASN B 17 23.20 5.59 24.17
N MET B 18 21.96 5.20 24.37
CA MET B 18 20.94 6.16 24.67
C MET B 18 19.96 5.62 25.68
N THR B 19 19.39 6.49 26.47
CA THR B 19 18.23 6.10 27.25
C THR B 19 16.99 6.77 26.82
N ILE B 20 15.87 6.08 26.96
CA ILE B 20 14.55 6.69 26.69
C ILE B 20 13.68 6.35 27.90
N GLY B 21 12.97 7.34 28.40
CA GLY B 21 12.14 7.10 29.60
C GLY B 21 10.74 6.71 29.19
N ALA B 22 9.79 6.75 30.14
CA ALA B 22 8.44 6.43 29.85
C ALA B 22 7.84 7.26 28.73
N VAL B 23 7.02 6.55 27.94
CA VAL B 23 6.31 7.23 26.82
C VAL B 23 4.94 7.58 27.31
N ASN B 24 4.53 8.84 27.21
CA ASN B 24 3.20 9.19 27.74
C ASN B 24 2.04 8.80 26.74
N SER B 25 0.77 9.11 27.14
CA SER B 25 -0.35 8.61 26.33
C SER B 25 -0.45 9.32 24.98
N ARG B 26 0.25 10.45 24.91
CA ARG B 26 0.42 11.23 23.66
C ARG B 26 1.58 10.75 22.82
N GLY B 27 2.29 9.79 23.32
CA GLY B 27 3.44 9.18 22.51
C GLY B 27 4.75 9.97 22.76
N GLU B 28 4.74 10.95 23.65
CA GLU B 28 5.96 11.78 23.88
C GLU B 28 6.96 11.09 24.83
N PHE B 29 8.28 11.22 24.56
CA PHE B 29 9.30 10.72 25.48
C PHE B 29 10.49 11.65 25.41
N THR B 30 11.29 11.56 26.46
CA THR B 30 12.57 12.26 26.60
C THR B 30 13.65 11.23 26.83
N GLY B 31 14.90 11.59 26.57
CA GLY B 31 15.91 10.59 26.68
C GLY B 31 17.27 11.33 26.79
N THR B 32 18.29 10.51 26.78
CA THR B 32 19.69 11.00 26.72
C THR B 32 20.44 10.20 25.68
N TYR B 33 21.47 10.82 25.15
CA TYR B 33 22.30 10.21 24.15
C TYR B 33 23.78 10.45 24.42
N ILE B 34 24.54 9.37 24.51
CA ILE B 34 25.98 9.50 24.68
C ILE B 34 26.66 8.92 23.46
N THR B 35 27.08 9.77 22.57
CA THR B 35 27.67 9.26 21.36
C THR B 35 29.15 8.77 21.48
N ALA B 36 29.45 7.68 20.81
CA ALA B 36 30.84 7.23 20.78
C ALA B 36 31.70 7.92 19.76
N VAL B 37 31.08 8.58 18.79
CA VAL B 37 31.73 9.20 17.71
C VAL B 37 31.25 10.67 17.47
N THR B 38 32.06 11.47 16.83
CA THR B 38 31.63 12.84 16.56
C THR B 38 32.23 13.28 15.26
N ALA B 39 31.65 14.35 14.67
CA ALA B 39 32.18 15.01 13.49
C ALA B 39 32.99 16.26 13.97
N THR B 40 32.76 16.68 15.19
CA THR B 40 33.49 17.86 15.75
C THR B 40 34.79 17.46 16.42
N SER B 41 35.64 18.45 16.67
CA SER B 41 36.77 18.09 17.51
C SER B 41 36.51 18.38 19.01
N ASN B 42 35.32 18.87 19.36
CA ASN B 42 34.98 19.15 20.77
C ASN B 42 34.84 17.89 21.61
N GLU B 43 35.06 17.99 22.92
CA GLU B 43 34.93 16.79 23.78
C GLU B 43 33.40 16.42 23.87
N ILE B 44 33.12 15.15 23.81
CA ILE B 44 31.72 14.71 23.79
C ILE B 44 31.11 14.90 25.18
N LYS B 45 29.84 15.28 25.26
CA LYS B 45 29.06 15.44 26.52
C LYS B 45 27.71 14.73 26.26
N GLU B 46 27.16 14.03 27.24
CA GLU B 46 25.82 13.40 27.13
C GLU B 46 24.85 14.52 26.81
N SER B 47 23.88 14.24 25.87
CA SER B 47 23.01 15.29 25.37
C SER B 47 21.56 14.81 25.39
N PRO B 48 20.64 15.74 25.56
CA PRO B 48 19.21 15.32 25.70
C PRO B 48 18.57 15.07 24.30
N LEU B 49 17.56 14.22 24.42
CA LEU B 49 16.74 13.99 23.17
C LEU B 49 15.32 13.97 23.56
N HIS B 50 14.48 14.30 22.56
CA HIS B 50 12.99 14.44 22.78
C HIS B 50 12.37 13.86 21.49
N GLY B 51 11.27 13.12 21.61
CA GLY B 51 10.64 12.59 20.40
C GLY B 51 9.23 12.09 20.74
N THR B 52 8.71 11.40 19.74
CA THR B 52 7.32 10.79 19.86
C THR B 52 7.35 9.50 19.15
N GLN B 53 6.49 8.62 19.62
CA GLN B 53 6.13 7.39 18.97
C GLN B 53 4.71 7.59 18.40
N ASN B 54 4.44 7.06 17.21
CA ASN B 54 3.14 7.18 16.63
C ASN B 54 2.16 6.24 17.32
N THR B 55 0.95 6.77 17.69
CA THR B 55 0.11 5.91 18.52
C THR B 55 -1.13 5.53 17.74
N ILE B 56 -1.18 5.88 16.49
CA ILE B 56 -2.37 5.55 15.66
C ILE B 56 -2.55 4.02 15.54
N ASN B 57 -3.78 3.58 15.88
CA ASN B 57 -4.08 2.12 15.92
C ASN B 57 -3.27 1.30 16.93
N LYS B 58 -2.62 2.00 17.88
CA LYS B 58 -1.76 1.39 18.88
C LYS B 58 -1.00 0.18 18.32
N ARG B 59 -0.23 0.42 17.27
CA ARG B 59 0.53 -0.62 16.64
C ARG B 59 1.51 -1.33 17.57
N THR B 60 1.72 -2.64 17.36
CA THR B 60 2.62 -3.34 18.20
C THR B 60 4.09 -2.98 17.82
N GLN B 61 4.31 -2.49 16.59
CA GLN B 61 5.69 -2.12 16.15
C GLN B 61 5.59 -0.68 15.63
N PRO B 62 5.56 0.32 16.53
CA PRO B 62 5.28 1.68 16.11
C PRO B 62 6.47 2.35 15.43
N THR B 63 6.13 3.26 14.54
CA THR B 63 7.22 4.18 14.13
C THR B 63 7.39 5.24 15.16
N PHE B 64 8.52 5.97 15.00
CA PHE B 64 8.88 7.03 15.97
C PHE B 64 9.96 7.94 15.38
N GLY B 65 10.08 9.07 16.07
CA GLY B 65 11.21 9.96 15.65
C GLY B 65 11.66 10.66 16.87
N PHE B 66 12.91 11.08 16.84
CA PHE B 66 13.34 11.99 17.93
C PHE B 66 14.49 12.89 17.47
N THR B 67 14.74 13.95 18.24
CA THR B 67 15.82 14.92 17.94
C THR B 67 16.83 14.90 19.08
N VAL B 68 18.10 14.87 18.70
CA VAL B 68 19.19 14.92 19.73
C VAL B 68 19.74 16.32 19.67
N ASN B 69 19.69 17.00 20.85
CA ASN B 69 20.06 18.41 20.89
C ASN B 69 21.51 18.44 21.47
N TRP B 70 22.52 18.29 20.61
CA TRP B 70 23.94 18.10 21.07
C TRP B 70 24.36 19.26 21.97
N LYS B 71 25.06 18.88 23.05
CA LYS B 71 25.48 19.95 24.04
C LYS B 71 26.97 20.28 23.83
N PHE B 72 27.60 19.78 22.81
CA PHE B 72 29.03 20.04 22.61
C PHE B 72 29.36 20.49 21.24
N SER B 73 28.26 20.74 20.44
CA SER B 73 28.47 21.25 19.09
C SER B 73 27.23 22.09 18.74
N GLU B 74 27.26 22.76 17.61
CA GLU B 74 26.14 23.53 17.14
C GLU B 74 25.17 22.75 16.27
N SER B 75 25.47 21.47 16.13
CA SER B 75 24.63 20.59 15.25
C SER B 75 23.45 20.04 15.94
N THR B 76 22.59 19.44 15.07
CA THR B 76 21.39 18.69 15.57
C THR B 76 21.26 17.45 14.75
N THR B 77 20.87 16.35 15.41
CA THR B 77 20.56 15.13 14.59
C THR B 77 19.17 14.68 14.87
N VAL B 78 18.48 14.29 13.78
CA VAL B 78 17.16 13.67 13.97
C VAL B 78 17.25 12.22 13.53
N PHE B 79 16.51 11.31 14.25
CA PHE B 79 16.38 9.87 13.91
C PHE B 79 14.93 9.54 13.75
N THR B 80 14.64 8.67 12.78
CA THR B 80 13.27 8.13 12.69
C THR B 80 13.36 6.65 12.29
N GLY B 81 12.41 5.88 12.78
CA GLY B 81 12.47 4.46 12.48
C GLY B 81 11.27 3.73 13.07
N GLN B 82 11.48 2.42 13.29
CA GLN B 82 10.34 1.58 13.76
C GLN B 82 10.93 0.59 14.77
N CYS B 83 10.11 0.31 15.75
CA CYS B 83 10.51 -0.59 16.82
C CYS B 83 9.99 -2.01 16.38
N PHE B 84 10.89 -2.94 16.19
CA PHE B 84 10.42 -4.31 15.83
C PHE B 84 10.62 -5.23 17.02
N ILE B 85 9.68 -6.19 17.22
CA ILE B 85 9.73 -7.08 18.39
C ILE B 85 9.44 -8.47 17.86
N ASP B 86 10.26 -9.43 18.28
CA ASP B 86 10.14 -10.80 17.72
C ASP B 86 9.26 -11.72 18.64
N ARG B 87 9.16 -13.00 18.20
CA ARG B 87 8.42 -14.12 18.85
C ARG B 87 8.65 -14.18 20.37
N ASN B 88 9.90 -13.96 20.84
CA ASN B 88 10.22 -13.97 22.31
C ASN B 88 10.41 -12.64 23.02
N GLY B 89 10.10 -11.54 22.34
CA GLY B 89 10.09 -10.26 23.02
C GLY B 89 11.36 -9.43 22.84
N LYS B 90 12.32 -9.96 22.08
CA LYS B 90 13.56 -9.22 21.70
C LYS B 90 13.28 -8.03 20.74
N GLU B 91 13.74 -6.86 21.12
CA GLU B 91 13.39 -5.62 20.35
C GLU B 91 14.61 -5.16 19.61
N VAL B 92 14.35 -4.51 18.47
CA VAL B 92 15.43 -3.82 17.72
C VAL B 92 14.79 -2.52 17.20
N LEU B 93 15.56 -1.39 17.30
CA LEU B 93 15.02 -0.12 16.66
C LEU B 93 15.81 -0.03 15.36
N LYS B 94 15.12 0.01 14.24
CA LYS B 94 15.81 0.25 12.93
C LYS B 94 15.51 1.68 12.53
N THR B 95 16.60 2.49 12.42
CA THR B 95 16.44 3.89 12.20
C THR B 95 17.37 4.43 11.12
N MET B 96 16.95 5.55 10.58
CA MET B 96 17.79 6.40 9.75
C MET B 96 17.88 7.78 10.38
N TRP B 97 18.96 8.48 10.04
CA TRP B 97 19.21 9.76 10.71
C TRP B 97 19.72 10.83 9.74
N LEU B 98 19.54 12.08 10.12
CA LEU B 98 20.08 13.21 9.39
C LEU B 98 20.84 14.00 10.48
N LEU B 99 22.14 14.26 10.18
CA LEU B 99 22.98 15.17 11.05
C LEU B 99 23.14 16.47 10.34
N ARG B 100 22.59 17.48 10.96
CA ARG B 100 22.65 18.84 10.44
C ARG B 100 23.77 19.61 11.12
N SER B 101 24.74 19.96 10.31
CA SER B 101 25.83 20.82 10.86
C SER B 101 25.35 22.29 10.67
N SER B 102 25.95 23.18 11.49
CA SER B 102 25.83 24.62 11.32
C SER B 102 26.74 25.21 10.24
N VAL B 103 26.18 25.97 9.34
CA VAL B 103 27.07 26.71 8.38
C VAL B 103 26.84 28.17 8.66
N ASN B 104 27.90 28.96 8.37
CA ASN B 104 27.77 30.39 8.55
C ASN B 104 27.00 31.14 7.54
N ASP B 105 27.10 30.70 6.29
CA ASP B 105 26.46 31.41 5.22
C ASP B 105 25.41 30.51 4.57
N ILE B 106 24.27 31.08 4.24
CA ILE B 106 23.22 30.33 3.55
C ILE B 106 23.63 29.68 2.21
N GLY B 107 24.67 30.25 1.53
CA GLY B 107 25.12 29.62 0.28
C GLY B 107 25.80 28.30 0.48
N ASP B 108 26.12 27.98 1.73
CA ASP B 108 26.76 26.67 2.04
C ASP B 108 25.75 25.66 2.59
N ASP B 109 24.45 26.02 2.59
CA ASP B 109 23.42 25.05 3.06
C ASP B 109 23.51 23.69 2.41
N TRP B 110 23.80 23.64 1.11
CA TRP B 110 23.81 22.39 0.41
C TRP B 110 24.68 21.33 1.04
N LYS B 111 25.71 21.72 1.76
CA LYS B 111 26.65 20.73 2.25
C LYS B 111 26.48 20.41 3.70
N ALA B 112 25.39 20.93 4.27
CA ALA B 112 25.26 20.80 5.72
C ALA B 112 24.62 19.54 6.32
N THR B 113 24.13 18.67 5.46
CA THR B 113 23.35 17.51 6.00
C THR B 113 23.91 16.16 5.62
N ARG B 114 24.29 15.42 6.67
CA ARG B 114 24.80 14.04 6.43
C ARG B 114 23.68 13.03 6.75
N VAL B 115 23.71 11.84 6.11
CA VAL B 115 22.65 10.85 6.35
C VAL B 115 23.30 9.53 6.65
N GLY B 116 22.54 8.71 7.41
CA GLY B 116 23.05 7.30 7.64
C GLY B 116 21.97 6.47 8.33
N ILE B 117 22.37 5.23 8.63
CA ILE B 117 21.50 4.32 9.41
C ILE B 117 21.97 4.16 10.82
N ASN B 118 21.06 3.58 11.68
CA ASN B 118 21.59 3.09 12.99
C ASN B 118 20.60 2.01 13.42
N ILE B 119 21.18 0.91 13.91
CA ILE B 119 20.34 -0.13 14.52
C ILE B 119 20.62 -0.09 16.03
N PHE B 120 19.56 0.08 16.84
CA PHE B 120 19.75 0.00 18.32
C PHE B 120 19.25 -1.35 18.84
N THR B 121 19.95 -1.91 19.84
CA THR B 121 19.47 -3.07 20.55
C THR B 121 19.50 -2.72 22.04
N ARG B 122 18.76 -3.50 22.82
CA ARG B 122 18.71 -3.22 24.28
C ARG B 122 20.04 -3.47 24.99
N LEU B 123 20.40 -2.54 25.87
CA LEU B 123 21.65 -2.67 26.58
C LEU B 123 21.23 -3.04 27.97
N ALA C 1 49.22 -1.94 2.83
CA ALA C 1 47.77 -2.37 2.85
C ALA C 1 47.34 -2.84 1.47
N ARG C 2 46.38 -3.78 1.39
CA ARG C 2 45.91 -4.25 0.09
C ARG C 2 45.20 -3.07 -0.62
N LYS C 3 45.18 -3.11 -1.92
CA LYS C 3 44.31 -2.20 -2.68
C LYS C 3 42.99 -2.83 -2.78
N CYS C 4 41.95 -2.03 -2.56
CA CYS C 4 40.59 -2.56 -2.65
C CYS C 4 40.09 -2.38 -4.06
N SER C 5 39.65 -3.45 -4.70
CA SER C 5 39.28 -3.42 -6.10
C SER C 5 37.78 -3.73 -6.22
N LEU C 6 37.12 -3.06 -7.13
CA LEU C 6 35.66 -3.28 -7.31
C LEU C 6 35.33 -4.49 -8.17
N THR C 7 36.28 -4.97 -8.97
CA THR C 7 35.94 -6.03 -9.91
C THR C 7 35.70 -7.30 -9.13
N GLY C 8 34.64 -7.99 -9.48
CA GLY C 8 34.42 -9.28 -8.83
C GLY C 8 32.90 -9.48 -8.68
N LYS C 9 32.54 -10.57 -8.03
CA LYS C 9 31.14 -10.86 -7.76
C LYS C 9 30.90 -10.52 -6.25
N TRP C 10 29.85 -9.74 -5.92
CA TRP C 10 29.57 -9.31 -4.52
C TRP C 10 28.19 -9.74 -4.14
N THR C 11 27.96 -9.80 -2.81
CA THR C 11 26.62 -9.99 -2.31
C THR C 11 26.41 -8.98 -1.19
N ASN C 12 25.19 -8.52 -1.06
CA ASN C 12 24.96 -7.54 -0.01
C ASN C 12 24.27 -8.14 1.15
N ASP C 13 24.03 -7.29 2.16
CA ASP C 13 23.54 -7.84 3.42
C ASP C 13 22.06 -8.32 3.38
N LEU C 14 21.33 -8.05 2.27
CA LEU C 14 19.99 -8.58 2.02
C LEU C 14 19.98 -9.70 1.00
N GLY C 15 21.16 -10.06 0.56
CA GLY C 15 21.35 -11.27 -0.32
C GLY C 15 21.26 -10.97 -1.82
N SER C 16 21.20 -9.70 -2.21
CA SER C 16 21.34 -9.36 -3.66
C SER C 16 22.72 -9.56 -4.08
N ASN C 17 22.90 -9.91 -5.38
CA ASN C 17 24.28 -10.07 -5.92
C ASN C 17 24.59 -9.11 -7.03
N MET C 18 25.82 -8.66 -7.15
CA MET C 18 26.18 -7.88 -8.36
C MET C 18 27.53 -8.36 -8.82
N THR C 19 27.73 -8.26 -10.15
CA THR C 19 29.09 -8.57 -10.70
C THR C 19 29.62 -7.31 -11.36
N ILE C 20 30.84 -6.93 -11.03
CA ILE C 20 31.40 -5.72 -11.66
C ILE C 20 32.56 -6.23 -12.49
N GLY C 21 32.65 -5.72 -13.70
CA GLY C 21 33.77 -6.09 -14.61
C GLY C 21 35.02 -5.31 -14.33
N ALA C 22 35.93 -5.28 -15.34
CA ALA C 22 37.14 -4.57 -15.17
C ALA C 22 36.90 -3.10 -15.10
N VAL C 23 37.76 -2.44 -14.35
CA VAL C 23 37.71 -0.97 -14.26
C VAL C 23 38.73 -0.41 -15.26
N ASN C 24 38.30 0.41 -16.16
CA ASN C 24 39.22 0.96 -17.20
C ASN C 24 40.07 2.14 -16.68
N SER C 25 40.89 2.71 -17.56
CA SER C 25 41.91 3.63 -17.06
C SER C 25 41.23 5.00 -16.75
N ARG C 26 40.00 5.16 -17.18
CA ARG C 26 39.15 6.32 -16.89
C ARG C 26 38.24 6.11 -15.68
N GLY C 27 38.41 4.98 -15.04
CA GLY C 27 37.72 4.64 -13.77
C GLY C 27 36.38 4.05 -14.06
N GLU C 28 36.07 3.80 -15.31
CA GLU C 28 34.70 3.27 -15.67
C GLU C 28 34.53 1.79 -15.56
N PHE C 29 33.32 1.34 -15.15
CA PHE C 29 33.03 -0.05 -15.12
C PHE C 29 31.55 -0.29 -15.44
N THR C 30 31.29 -1.53 -15.86
CA THR C 30 29.96 -2.08 -16.15
C THR C 30 29.76 -3.32 -15.31
N GLY C 31 28.50 -3.65 -15.02
CA GLY C 31 28.28 -4.90 -14.29
C GLY C 31 26.83 -5.25 -14.43
N THR C 32 26.39 -6.24 -13.63
CA THR C 32 24.99 -6.59 -13.60
C THR C 32 24.57 -6.71 -12.15
N TYR C 33 23.30 -6.54 -11.90
CA TYR C 33 22.78 -6.61 -10.54
C TYR C 33 21.58 -7.52 -10.54
N ILE C 34 21.58 -8.48 -9.63
CA ILE C 34 20.39 -9.35 -9.42
C ILE C 34 19.88 -9.15 -7.98
N THR C 35 18.79 -8.45 -7.88
CA THR C 35 18.28 -8.06 -6.57
C THR C 35 17.48 -9.21 -5.91
N ALA C 36 17.67 -9.36 -4.60
CA ALA C 36 16.92 -10.36 -3.84
C ALA C 36 15.64 -9.79 -3.30
N VAL C 37 15.57 -8.45 -3.21
CA VAL C 37 14.38 -7.80 -2.74
C VAL C 37 13.89 -6.77 -3.72
N THR C 38 12.64 -6.40 -3.60
CA THR C 38 12.05 -5.63 -4.59
C THR C 38 10.93 -4.70 -4.07
N ALA C 39 10.63 -3.61 -4.79
CA ALA C 39 9.51 -2.75 -4.42
C ALA C 39 8.42 -2.87 -5.48
N THR C 40 8.47 -3.93 -6.26
CA THR C 40 7.39 -4.15 -7.26
C THR C 40 7.08 -5.63 -7.22
N SER C 41 5.86 -6.03 -7.63
CA SER C 41 5.67 -7.47 -7.72
C SER C 41 6.09 -8.06 -9.06
N ASN C 42 6.49 -7.22 -10.02
CA ASN C 42 6.95 -7.76 -11.32
C ASN C 42 8.09 -8.75 -11.13
N GLU C 43 8.20 -9.72 -12.06
CA GLU C 43 9.22 -10.69 -11.84
C GLU C 43 10.58 -9.96 -12.00
N ILE C 44 11.49 -10.34 -11.09
CA ILE C 44 12.85 -9.73 -11.07
C ILE C 44 13.64 -10.23 -12.28
N LYS C 45 14.35 -9.29 -12.96
CA LYS C 45 15.24 -9.57 -14.11
C LYS C 45 16.62 -8.99 -13.72
N GLU C 46 17.67 -9.75 -13.98
CA GLU C 46 19.02 -9.20 -13.95
C GLU C 46 19.08 -7.85 -14.71
N SER C 47 19.74 -6.82 -14.12
CA SER C 47 19.73 -5.52 -14.69
C SER C 47 21.12 -4.95 -14.75
N PRO C 48 21.38 -4.08 -15.71
CA PRO C 48 22.79 -3.66 -15.92
C PRO C 48 23.10 -2.52 -14.93
N LEU C 49 24.38 -2.36 -14.64
CA LEU C 49 24.74 -1.16 -13.89
C LEU C 49 26.01 -0.61 -14.53
N HIS C 50 26.18 0.70 -14.35
CA HIS C 50 27.33 1.39 -14.88
C HIS C 50 27.82 2.39 -13.89
N GLY C 51 29.12 2.52 -13.75
CA GLY C 51 29.57 3.54 -12.78
C GLY C 51 31.03 3.87 -12.93
N THR C 52 31.54 4.60 -12.00
CA THR C 52 32.97 4.95 -11.96
C THR C 52 33.51 4.87 -10.56
N GLN C 53 34.82 4.60 -10.52
CA GLN C 53 35.66 4.62 -9.33
C GLN C 53 36.48 5.90 -9.44
N ASN C 54 36.63 6.60 -8.35
CA ASN C 54 37.46 7.81 -8.32
C ASN C 54 38.91 7.37 -8.23
N THR C 55 39.75 7.90 -9.15
CA THR C 55 41.20 7.54 -9.12
C THR C 55 42.09 8.69 -8.76
N ILE C 56 41.55 9.77 -8.21
CA ILE C 56 42.40 10.85 -7.75
C ILE C 56 43.28 10.46 -6.60
N ASN C 57 44.62 10.75 -6.78
CA ASN C 57 45.64 10.30 -5.81
C ASN C 57 45.76 8.79 -5.69
N LYS C 58 45.18 8.05 -6.64
CA LYS C 58 45.28 6.59 -6.69
C LYS C 58 45.16 5.96 -5.32
N ARG C 59 44.05 6.20 -4.63
CA ARG C 59 43.86 5.73 -3.28
C ARG C 59 43.58 4.21 -3.27
N THR C 60 44.09 3.57 -2.24
CA THR C 60 43.93 2.13 -2.14
C THR C 60 42.47 1.80 -1.78
N GLN C 61 41.75 2.80 -1.18
CA GLN C 61 40.37 2.52 -0.77
C GLN C 61 39.51 3.61 -1.49
N PRO C 62 39.21 3.39 -2.78
CA PRO C 62 38.61 4.52 -3.58
C PRO C 62 37.08 4.67 -3.31
N THR C 63 36.63 5.92 -3.46
CA THR C 63 35.15 6.06 -3.59
C THR C 63 34.69 5.72 -4.98
N PHE C 64 33.37 5.50 -5.11
CA PHE C 64 32.80 5.13 -6.41
C PHE C 64 31.32 5.43 -6.37
N GLY C 65 30.73 5.35 -7.55
CA GLY C 65 29.21 5.44 -7.64
C GLY C 65 28.81 4.62 -8.83
N PHE C 66 27.58 4.16 -8.82
CA PHE C 66 27.00 3.51 -10.03
C PHE C 66 25.54 3.62 -10.03
N THR C 67 25.01 3.45 -11.24
CA THR C 67 23.55 3.53 -11.49
C THR C 67 23.11 2.17 -11.90
N VAL C 68 22.01 1.69 -11.36
CA VAL C 68 21.39 0.37 -11.75
C VAL C 68 20.13 0.72 -12.50
N ASN C 69 20.15 0.30 -13.80
CA ASN C 69 19.04 0.62 -14.69
C ASN C 69 18.01 -0.54 -14.78
N TRP C 70 17.04 -0.55 -13.85
CA TRP C 70 16.26 -1.77 -13.59
C TRP C 70 15.47 -2.15 -14.88
N LYS C 71 15.43 -3.46 -15.14
CA LYS C 71 14.81 -3.95 -16.39
C LYS C 71 13.42 -4.45 -16.14
N PHE C 72 12.90 -4.35 -14.90
CA PHE C 72 11.55 -4.92 -14.59
C PHE C 72 10.71 -3.87 -13.84
N SER C 73 11.16 -2.62 -13.84
CA SER C 73 10.38 -1.47 -13.39
C SER C 73 10.86 -0.18 -14.03
N GLU C 74 10.09 0.89 -13.79
CA GLU C 74 10.42 2.15 -14.35
C GLU C 74 11.39 3.00 -13.42
N SER C 75 11.79 2.36 -12.32
CA SER C 75 12.66 3.04 -11.33
C SER C 75 14.10 3.03 -11.71
N THR C 76 14.88 3.86 -10.97
CA THR C 76 16.37 3.82 -11.11
C THR C 76 16.97 3.85 -9.69
N THR C 77 18.07 3.13 -9.48
CA THR C 77 18.72 3.30 -8.14
C THR C 77 20.10 3.77 -8.37
N VAL C 78 20.62 4.66 -7.53
CA VAL C 78 22.05 5.00 -7.58
C VAL C 78 22.67 4.59 -6.26
N PHE C 79 23.90 4.08 -6.31
CA PHE C 79 24.67 3.73 -5.07
C PHE C 79 25.98 4.49 -5.11
N THR C 80 26.39 4.94 -3.93
CA THR C 80 27.76 5.52 -3.84
C THR C 80 28.41 5.05 -2.55
N GLY C 81 29.74 4.90 -2.54
CA GLY C 81 30.35 4.41 -1.27
C GLY C 81 31.87 4.38 -1.44
N GLN C 82 32.47 3.53 -0.61
CA GLN C 82 33.88 3.43 -0.67
C GLN C 82 34.22 1.94 -0.51
N CYS C 83 35.31 1.57 -1.18
CA CYS C 83 35.90 0.18 -1.13
C CYS C 83 36.90 0.21 -0.02
N PHE C 84 36.65 -0.48 1.11
CA PHE C 84 37.53 -0.50 2.21
C PHE C 84 38.22 -1.87 2.36
N ILE C 85 39.41 -1.79 2.93
CA ILE C 85 39.93 -3.08 3.55
C ILE C 85 39.44 -3.03 4.98
N ASP C 86 38.63 -3.97 5.39
CA ASP C 86 38.08 -4.04 6.72
C ASP C 86 39.09 -4.46 7.79
N ARG C 87 38.70 -4.39 9.07
CA ARG C 87 39.65 -4.63 10.15
C ARG C 87 40.18 -6.06 10.06
N ASN C 88 39.38 -6.94 9.51
CA ASN C 88 39.86 -8.37 9.38
C ASN C 88 40.61 -8.57 8.06
N GLY C 89 40.87 -7.48 7.31
CA GLY C 89 41.62 -7.72 6.03
C GLY C 89 40.84 -8.00 4.79
N LYS C 90 39.51 -8.19 4.88
CA LYS C 90 38.63 -8.44 3.73
C LYS C 90 38.26 -7.10 3.02
N GLU C 91 38.08 -7.22 1.73
CA GLU C 91 37.46 -6.07 0.97
C GLU C 91 36.02 -5.97 1.42
N VAL C 92 35.53 -4.72 1.58
CA VAL C 92 34.08 -4.59 1.82
C VAL C 92 33.68 -3.25 1.14
N LEU C 93 32.50 -3.26 0.53
CA LEU C 93 31.95 -1.95 -0.02
C LEU C 93 30.95 -1.44 0.98
N LYS C 94 31.15 -0.23 1.46
CA LYS C 94 30.18 0.45 2.31
C LYS C 94 29.46 1.48 1.45
N THR C 95 28.16 1.30 1.25
CA THR C 95 27.44 2.14 0.25
C THR C 95 26.18 2.75 0.91
N MET C 96 25.72 3.80 0.24
CA MET C 96 24.31 4.29 0.46
C MET C 96 23.72 4.45 -0.91
N TRP C 97 22.39 4.35 -0.92
CA TRP C 97 21.64 4.36 -2.16
C TRP C 97 20.41 5.28 -2.13
N LEU C 98 20.01 5.73 -3.31
CA LEU C 98 18.73 6.44 -3.51
C LEU C 98 18.00 5.62 -4.55
N LEU C 99 16.77 5.26 -4.20
CA LEU C 99 15.88 4.52 -5.12
C LEU C 99 14.78 5.51 -5.60
N ARG C 100 14.83 5.86 -6.87
CA ARG C 100 13.88 6.79 -7.44
C ARG C 100 12.74 6.06 -8.16
N SER C 101 11.54 6.26 -7.65
CA SER C 101 10.27 5.73 -8.31
C SER C 101 9.86 6.78 -9.30
N SER C 102 9.12 6.26 -10.35
CA SER C 102 8.46 7.13 -11.33
C SER C 102 7.11 7.62 -10.81
N VAL C 103 6.90 8.91 -10.89
CA VAL C 103 5.58 9.47 -10.52
C VAL C 103 4.94 9.96 -11.83
N ASN C 104 3.61 9.99 -11.84
CA ASN C 104 2.85 10.51 -12.99
C ASN C 104 2.80 12.01 -13.05
N ASP C 105 2.86 12.68 -11.92
CA ASP C 105 2.97 14.12 -12.07
C ASP C 105 3.85 14.77 -11.06
N ILE C 106 4.30 15.98 -11.42
CA ILE C 106 5.33 16.65 -10.79
C ILE C 106 5.00 16.97 -9.35
N GLY C 107 3.72 17.23 -9.06
CA GLY C 107 3.33 17.57 -7.66
C GLY C 107 3.58 16.37 -6.74
N ASP C 108 3.84 15.12 -7.22
CA ASP C 108 4.07 13.95 -6.37
C ASP C 108 5.62 13.69 -6.23
N ASP C 109 6.41 14.62 -6.77
CA ASP C 109 7.89 14.36 -6.80
C ASP C 109 8.43 14.15 -5.35
N TRP C 110 7.85 14.87 -4.43
CA TRP C 110 8.28 14.78 -3.00
C TRP C 110 8.30 13.43 -2.45
N LYS C 111 7.42 12.52 -2.90
CA LYS C 111 7.37 11.18 -2.39
C LYS C 111 8.11 10.07 -3.09
N ALA C 112 8.93 10.52 -4.07
CA ALA C 112 9.54 9.56 -5.05
C ALA C 112 10.87 8.94 -4.74
N THR C 113 11.51 9.43 -3.63
CA THR C 113 12.87 8.98 -3.42
C THR C 113 13.08 8.30 -2.06
N ARG C 114 13.47 7.04 -2.07
CA ARG C 114 13.82 6.32 -0.81
C ARG C 114 15.34 6.35 -0.71
N VAL C 115 15.83 6.14 0.54
CA VAL C 115 17.26 6.12 0.83
C VAL C 115 17.54 4.98 1.80
N GLY C 116 18.72 4.44 1.64
CA GLY C 116 19.14 3.43 2.64
C GLY C 116 20.64 3.06 2.43
N ILE C 117 21.04 2.01 3.10
CA ILE C 117 22.43 1.58 3.08
C ILE C 117 22.55 0.20 2.49
N ASN C 118 23.77 -0.16 2.09
CA ASN C 118 24.07 -1.64 1.86
C ASN C 118 25.51 -1.88 2.06
N ILE C 119 25.86 -3.03 2.61
CA ILE C 119 27.24 -3.44 2.71
C ILE C 119 27.40 -4.66 1.79
N PHE C 120 28.45 -4.60 0.94
CA PHE C 120 28.76 -5.79 0.06
C PHE C 120 30.06 -6.38 0.43
N THR C 121 30.07 -7.74 0.27
CA THR C 121 31.34 -8.50 0.49
C THR C 121 31.48 -9.44 -0.75
N ARG C 122 32.70 -9.90 -0.99
CA ARG C 122 32.93 -10.64 -2.27
C ARG C 122 32.38 -12.08 -2.16
N LEU C 123 31.79 -12.57 -3.24
CA LEU C 123 31.34 -14.01 -3.36
C LEU C 123 32.31 -14.71 -4.32
N LYS D 3 9.26 11.62 -24.46
CA LYS D 3 9.53 12.99 -24.97
C LYS D 3 10.33 13.94 -24.08
N CYS D 4 10.50 13.71 -22.73
CA CYS D 4 11.43 14.57 -21.96
C CYS D 4 12.77 13.95 -22.18
N SER D 5 13.71 14.76 -22.72
CA SER D 5 14.98 14.21 -23.06
C SER D 5 16.01 14.82 -22.16
N LEU D 6 16.98 13.99 -21.77
CA LEU D 6 18.08 14.49 -20.93
C LEU D 6 19.18 15.26 -21.71
N THR D 7 19.26 14.98 -23.03
CA THR D 7 20.34 15.64 -23.81
C THR D 7 20.19 17.16 -23.82
N GLY D 8 21.29 17.82 -23.58
CA GLY D 8 21.29 19.26 -23.55
C GLY D 8 22.31 19.83 -22.59
N LYS D 9 22.28 21.14 -22.46
CA LYS D 9 23.05 21.83 -21.47
C LYS D 9 22.01 22.33 -20.38
N TRP D 10 22.40 22.08 -19.12
CA TRP D 10 21.44 22.35 -17.94
C TRP D 10 22.19 23.19 -16.92
N THR D 11 21.40 23.89 -16.08
CA THR D 11 22.02 24.65 -14.99
C THR D 11 21.11 24.40 -13.78
N ASN D 12 21.68 24.57 -12.61
CA ASN D 12 20.86 24.31 -11.41
C ASN D 12 20.77 25.51 -10.64
N ASP D 13 19.96 25.36 -9.56
CA ASP D 13 19.76 26.41 -8.65
C ASP D 13 21.02 27.11 -8.05
N LEU D 14 22.17 26.41 -7.84
CA LEU D 14 23.38 26.93 -7.37
C LEU D 14 24.34 27.51 -8.41
N GLY D 15 23.95 27.39 -9.67
CA GLY D 15 24.85 27.98 -10.69
C GLY D 15 25.76 26.97 -11.36
N SER D 16 25.69 25.70 -10.93
CA SER D 16 26.47 24.66 -11.62
C SER D 16 25.88 24.40 -12.95
N ASN D 17 26.71 24.01 -13.93
CA ASN D 17 26.16 23.55 -15.20
C ASN D 17 26.59 22.12 -15.57
N MET D 18 25.78 21.46 -16.34
CA MET D 18 26.08 20.13 -16.79
C MET D 18 25.69 20.07 -18.27
N THR D 19 26.46 19.28 -19.00
CA THR D 19 26.00 18.83 -20.31
C THR D 19 25.75 17.33 -20.40
N ILE D 20 24.76 16.92 -21.16
CA ILE D 20 24.52 15.50 -21.34
C ILE D 20 24.38 15.34 -22.88
N GLY D 21 25.10 14.34 -23.41
CA GLY D 21 25.03 14.04 -24.88
C GLY D 21 23.88 13.18 -25.22
N ALA D 22 23.93 12.67 -26.45
CA ALA D 22 22.93 11.78 -26.91
C ALA D 22 22.76 10.55 -26.01
N VAL D 23 21.49 10.17 -25.89
CA VAL D 23 21.17 8.97 -25.14
C VAL D 23 21.04 7.78 -26.07
N ASN D 24 21.78 6.71 -25.82
CA ASN D 24 21.69 5.59 -26.77
C ASN D 24 20.45 4.71 -26.56
N SER D 25 20.21 3.72 -27.43
CA SER D 25 19.04 2.88 -27.27
C SER D 25 19.03 2.07 -25.98
N ARG D 26 20.18 1.91 -25.35
CA ARG D 26 20.27 1.23 -24.06
C ARG D 26 19.98 2.20 -22.93
N GLY D 27 19.78 3.46 -23.28
CA GLY D 27 19.49 4.55 -22.26
C GLY D 27 20.79 5.09 -21.69
N GLU D 28 21.97 4.74 -22.24
CA GLU D 28 23.22 5.17 -21.64
C GLU D 28 23.59 6.57 -22.18
N PHE D 29 24.15 7.39 -21.31
CA PHE D 29 24.65 8.68 -21.70
C PHE D 29 25.92 9.08 -20.98
N THR D 30 26.66 10.03 -21.54
CA THR D 30 27.81 10.62 -20.89
C THR D 30 27.64 12.10 -20.85
N GLY D 31 28.46 12.77 -20.05
CA GLY D 31 28.22 14.20 -19.88
C GLY D 31 29.40 14.84 -19.21
N THR D 32 29.21 16.09 -18.82
CA THR D 32 30.22 16.85 -18.11
C THR D 32 29.54 17.68 -17.00
N TYR D 33 30.27 17.95 -15.93
CA TYR D 33 29.68 18.72 -14.84
C TYR D 33 30.69 19.71 -14.36
N ILE D 34 30.27 20.97 -14.42
CA ILE D 34 31.08 22.02 -13.85
C ILE D 34 30.40 22.62 -12.63
N THR D 35 30.91 22.29 -11.44
CA THR D 35 30.16 22.69 -10.25
C THR D 35 30.55 24.16 -9.86
N ALA D 36 29.60 24.86 -9.29
CA ALA D 36 29.90 26.24 -8.87
C ALA D 36 30.34 26.23 -7.41
N VAL D 37 30.14 25.11 -6.72
CA VAL D 37 30.49 25.02 -5.27
C VAL D 37 31.26 23.75 -4.94
N THR D 38 31.99 23.71 -3.86
CA THR D 38 32.73 22.50 -3.55
C THR D 38 32.81 22.35 -2.10
N ALA D 39 33.05 21.11 -1.64
CA ALA D 39 33.29 20.88 -0.24
C ALA D 39 34.81 20.77 0.01
N THR D 40 35.61 20.70 -1.02
CA THR D 40 37.11 20.70 -0.89
C THR D 40 37.66 22.10 -0.89
N SER D 41 38.95 22.26 -0.53
CA SER D 41 39.63 23.51 -0.80
C SER D 41 40.31 23.47 -2.19
N ASN D 42 40.28 22.33 -2.89
CA ASN D 42 40.93 22.22 -4.22
C ASN D 42 40.23 23.05 -5.32
N GLU D 43 40.97 23.49 -6.34
CA GLU D 43 40.40 24.29 -7.42
C GLU D 43 39.50 23.38 -8.24
N ILE D 44 38.35 23.89 -8.59
CA ILE D 44 37.39 23.11 -9.31
C ILE D 44 37.88 22.87 -10.76
N LYS D 45 37.60 21.68 -11.27
CA LYS D 45 37.84 21.23 -12.62
C LYS D 45 36.58 20.58 -13.18
N GLU D 46 36.22 20.89 -14.45
CA GLU D 46 35.12 20.19 -15.14
C GLU D 46 35.35 18.68 -15.06
N SER D 47 34.30 17.94 -14.66
CA SER D 47 34.46 16.49 -14.44
C SER D 47 33.48 15.75 -15.27
N PRO D 48 33.81 14.50 -15.60
CA PRO D 48 32.91 13.68 -16.39
C PRO D 48 31.76 12.99 -15.60
N LEU D 49 30.71 12.71 -16.31
CA LEU D 49 29.56 11.98 -15.71
C LEU D 49 29.11 10.92 -16.63
N HIS D 50 28.54 9.86 -16.09
CA HIS D 50 28.04 8.77 -16.88
C HIS D 50 26.75 8.26 -16.21
N GLY D 51 25.76 7.92 -16.99
CA GLY D 51 24.51 7.41 -16.37
C GLY D 51 23.60 6.77 -17.36
N THR D 52 22.41 6.55 -16.91
CA THR D 52 21.40 5.91 -17.77
C THR D 52 20.05 6.47 -17.42
N GLN D 53 19.21 6.46 -18.46
CA GLN D 53 17.77 6.70 -18.38
C GLN D 53 17.05 5.38 -18.42
N ASN D 54 16.03 5.19 -17.57
CA ASN D 54 15.23 3.97 -17.53
C ASN D 54 14.34 4.00 -18.79
N THR D 55 14.40 2.92 -19.59
CA THR D 55 13.55 2.94 -20.86
C THR D 55 12.31 2.04 -20.74
N ILE D 56 11.99 1.54 -19.57
CA ILE D 56 10.88 0.59 -19.44
C ILE D 56 9.56 1.29 -19.66
N ASN D 57 8.77 0.67 -20.55
CA ASN D 57 7.50 1.31 -21.02
C ASN D 57 7.65 2.59 -21.79
N LYS D 58 8.90 2.91 -22.19
CA LYS D 58 9.27 4.09 -22.99
C LYS D 58 8.54 5.35 -22.50
N ARG D 59 8.67 5.60 -21.20
CA ARG D 59 7.89 6.67 -20.57
C ARG D 59 8.26 8.06 -21.07
N THR D 60 7.30 8.97 -21.16
CA THR D 60 7.67 10.25 -21.65
C THR D 60 8.45 11.04 -20.59
N GLN D 61 8.32 10.64 -19.32
CA GLN D 61 8.98 11.45 -18.24
C GLN D 61 9.85 10.37 -17.49
N PRO D 62 10.99 9.96 -18.06
CA PRO D 62 11.67 8.83 -17.47
C PRO D 62 12.44 9.19 -16.17
N THR D 63 12.63 8.12 -15.40
CA THR D 63 13.70 8.34 -14.34
C THR D 63 15.04 8.05 -14.87
N PHE D 64 16.07 8.50 -14.12
CA PHE D 64 17.48 8.30 -14.60
C PHE D 64 18.38 8.35 -13.37
N GLY D 65 19.65 8.00 -13.62
CA GLY D 65 20.68 8.20 -12.52
C GLY D 65 21.97 8.54 -13.23
N PHE D 66 22.88 9.24 -12.55
CA PHE D 66 24.27 9.30 -13.08
C PHE D 66 25.26 9.53 -11.99
N THR D 67 26.55 9.29 -12.31
CA THR D 67 27.58 9.39 -11.32
C THR D 67 28.50 10.47 -11.85
N VAL D 68 28.92 11.38 -10.98
CA VAL D 68 29.92 12.44 -11.38
C VAL D 68 31.25 12.01 -10.73
N ASN D 69 32.28 11.82 -11.62
CA ASN D 69 33.53 11.35 -11.21
C ASN D 69 34.47 12.55 -11.00
N TRP D 70 34.50 13.12 -9.81
CA TRP D 70 35.14 14.43 -9.60
C TRP D 70 36.64 14.33 -9.96
N LYS D 71 37.15 15.32 -10.65
CA LYS D 71 38.54 15.29 -11.06
C LYS D 71 39.46 16.15 -10.21
N PHE D 72 38.92 16.74 -9.17
CA PHE D 72 39.66 17.61 -8.28
C PHE D 72 39.50 17.24 -6.79
N SER D 73 38.90 16.10 -6.55
CA SER D 73 38.80 15.57 -5.21
C SER D 73 38.69 14.07 -5.24
N GLU D 74 38.76 13.44 -4.07
CA GLU D 74 38.64 12.00 -4.06
C GLU D 74 37.21 11.51 -3.93
N SER D 75 36.32 12.47 -3.91
CA SER D 75 34.88 12.12 -3.70
C SER D 75 34.17 11.72 -4.96
N THR D 76 32.93 11.17 -4.77
CA THR D 76 32.04 10.83 -5.90
C THR D 76 30.62 11.30 -5.58
N THR D 77 29.92 11.86 -6.57
CA THR D 77 28.49 12.12 -6.31
C THR D 77 27.62 11.32 -7.21
N VAL D 78 26.44 10.89 -6.74
CA VAL D 78 25.42 10.25 -7.60
C VAL D 78 24.16 11.10 -7.52
N PHE D 79 23.44 11.20 -8.67
CA PHE D 79 22.15 11.91 -8.74
C PHE D 79 21.16 10.96 -9.31
N THR D 80 19.93 11.02 -8.83
CA THR D 80 18.84 10.30 -9.47
C THR D 80 17.61 11.05 -9.42
N GLY D 81 16.75 10.92 -10.43
CA GLY D 81 15.57 11.77 -10.50
C GLY D 81 14.73 11.43 -11.72
N GLN D 82 13.88 12.45 -12.05
CA GLN D 82 12.90 12.21 -13.15
C GLN D 82 12.89 13.47 -13.99
N CYS D 83 12.74 13.24 -15.32
CA CYS D 83 12.73 14.33 -16.31
C CYS D 83 11.17 14.63 -16.52
N PHE D 84 10.77 15.79 -16.15
CA PHE D 84 9.32 16.23 -16.33
C PHE D 84 9.23 17.24 -17.46
N ILE D 85 8.15 17.13 -18.27
CA ILE D 85 8.06 18.02 -19.51
C ILE D 85 6.67 18.57 -19.50
N ASP D 86 6.55 19.89 -19.65
CA ASP D 86 5.19 20.46 -19.55
C ASP D 86 4.48 20.49 -20.92
N ARG D 87 3.20 20.90 -20.93
CA ARG D 87 2.46 21.21 -22.15
C ARG D 87 3.25 21.94 -23.27
N ASN D 88 4.06 22.94 -22.91
CA ASN D 88 4.86 23.71 -23.88
C ASN D 88 6.23 23.14 -24.31
N GLY D 89 6.64 21.98 -23.74
CA GLY D 89 7.90 21.34 -24.07
C GLY D 89 9.04 21.78 -23.15
N LYS D 90 8.69 22.55 -22.10
CA LYS D 90 9.72 23.07 -21.16
C LYS D 90 10.10 21.94 -20.15
N GLU D 91 11.37 21.64 -20.01
CA GLU D 91 11.75 20.43 -19.20
C GLU D 91 12.37 20.83 -17.89
N VAL D 92 12.17 20.01 -16.86
CA VAL D 92 12.88 20.25 -15.56
C VAL D 92 13.42 18.86 -15.14
N LEU D 93 14.63 18.77 -14.58
CA LEU D 93 15.00 17.48 -13.99
C LEU D 93 14.93 17.67 -12.45
N LYS D 94 14.15 16.84 -11.78
CA LYS D 94 14.09 16.95 -10.31
C LYS D 94 14.86 15.77 -9.79
N THR D 95 15.93 16.09 -9.06
CA THR D 95 16.90 15.08 -8.64
C THR D 95 17.16 15.19 -7.14
N MET D 96 17.69 14.10 -6.61
CA MET D 96 18.33 14.07 -5.31
C MET D 96 19.72 13.49 -5.49
N TRP D 97 20.64 13.81 -4.56
CA TRP D 97 21.98 13.30 -4.74
C TRP D 97 22.59 12.85 -3.45
N LEU D 98 23.62 12.02 -3.56
CA LEU D 98 24.47 11.67 -2.39
C LEU D 98 25.87 12.05 -2.82
N LEU D 99 26.56 12.78 -1.95
CA LEU D 99 27.99 13.13 -2.10
C LEU D 99 28.81 12.27 -1.12
N ARG D 100 29.63 11.39 -1.65
CA ARG D 100 30.46 10.49 -0.84
C ARG D 100 31.86 11.04 -0.72
N SER D 101 32.23 11.39 0.50
CA SER D 101 33.66 11.82 0.71
C SER D 101 34.48 10.55 0.97
N SER D 102 35.80 10.67 0.72
CA SER D 102 36.77 9.67 1.15
C SER D 102 37.15 9.79 2.59
N VAL D 103 37.09 8.72 3.37
CA VAL D 103 37.65 8.76 4.72
C VAL D 103 38.84 7.70 4.73
N ASN D 104 39.82 7.95 5.61
CA ASN D 104 40.96 7.00 5.69
C ASN D 104 40.64 5.80 6.51
N ASP D 105 39.80 5.96 7.52
CA ASP D 105 39.56 4.82 8.41
C ASP D 105 38.12 4.40 8.24
N ILE D 106 37.89 3.11 8.08
CA ILE D 106 36.56 2.55 8.05
C ILE D 106 35.66 2.97 9.25
N GLY D 107 36.24 3.29 10.43
CA GLY D 107 35.41 3.66 11.60
C GLY D 107 34.74 5.01 11.37
N ASP D 108 35.17 5.72 10.33
CA ASP D 108 34.64 7.06 10.09
C ASP D 108 33.65 7.01 8.91
N ASP D 109 33.30 5.81 8.40
CA ASP D 109 32.38 5.70 7.31
C ASP D 109 31.02 6.40 7.60
N TRP D 110 30.56 6.32 8.84
CA TRP D 110 29.26 6.84 9.17
C TRP D 110 29.12 8.32 8.76
N LYS D 111 30.22 9.09 8.72
CA LYS D 111 30.11 10.55 8.46
C LYS D 111 30.44 10.98 7.03
N ALA D 112 30.55 9.97 6.18
CA ALA D 112 31.08 10.22 4.79
C ALA D 112 30.08 10.59 3.69
N THR D 113 28.79 10.60 4.00
CA THR D 113 27.74 10.71 2.94
C THR D 113 26.82 11.87 3.25
N ARG D 114 26.92 12.91 2.39
CA ARG D 114 25.95 14.06 2.43
C ARG D 114 24.81 13.85 1.43
N VAL D 115 23.69 14.45 1.75
CA VAL D 115 22.50 14.25 0.83
C VAL D 115 21.89 15.64 0.55
N GLY D 116 21.21 15.75 -0.62
CA GLY D 116 20.45 17.03 -0.94
C GLY D 116 19.72 16.84 -2.23
N ILE D 117 19.08 17.97 -2.61
CA ILE D 117 18.27 18.00 -3.87
C ILE D 117 19.00 18.91 -4.89
N ASN D 118 18.52 18.77 -6.12
CA ASN D 118 18.87 19.76 -7.14
C ASN D 118 17.79 19.71 -8.21
N ILE D 119 17.47 20.95 -8.66
CA ILE D 119 16.58 21.06 -9.81
C ILE D 119 17.42 21.63 -10.97
N PHE D 120 17.38 20.94 -12.11
CA PHE D 120 18.08 21.41 -13.31
C PHE D 120 17.07 21.96 -14.35
N THR D 121 17.38 23.10 -14.96
CA THR D 121 16.56 23.55 -16.10
C THR D 121 17.49 23.72 -17.27
N ARG D 122 16.95 23.84 -18.48
CA ARG D 122 17.81 23.90 -19.68
C ARG D 122 18.47 25.25 -19.87
N LEU D 123 19.68 25.15 -20.44
CA LEU D 123 20.58 26.23 -21.00
C LEU D 123 21.44 26.93 -19.92
N ALA E 1 -24.81 -28.16 -29.46
CA ALA E 1 -23.90 -27.09 -29.04
C ALA E 1 -22.56 -27.71 -28.64
N ARG E 2 -21.47 -26.95 -28.71
CA ARG E 2 -20.15 -27.46 -28.32
C ARG E 2 -20.15 -27.82 -26.82
N LYS E 3 -19.35 -28.77 -26.39
CA LYS E 3 -19.13 -28.91 -24.92
C LYS E 3 -18.05 -27.99 -24.51
N CYS E 4 -18.28 -27.18 -23.44
CA CYS E 4 -17.18 -26.33 -23.03
C CYS E 4 -16.32 -27.09 -22.10
N SER E 5 -15.03 -27.06 -22.34
CA SER E 5 -14.04 -27.79 -21.55
C SER E 5 -13.08 -26.84 -20.86
N LEU E 6 -12.70 -27.15 -19.66
CA LEU E 6 -11.77 -26.32 -18.91
C LEU E 6 -10.31 -26.51 -19.33
N THR E 7 -10.01 -27.64 -20.01
CA THR E 7 -8.59 -27.91 -20.20
C THR E 7 -8.02 -26.99 -21.26
N GLY E 8 -6.81 -26.48 -21.01
CA GLY E 8 -6.14 -25.56 -21.94
C GLY E 8 -5.47 -24.42 -21.25
N LYS E 9 -4.95 -23.50 -22.06
CA LYS E 9 -4.32 -22.32 -21.52
C LYS E 9 -5.27 -21.15 -21.69
N TRP E 10 -5.46 -20.38 -20.60
CA TRP E 10 -6.47 -19.25 -20.64
C TRP E 10 -5.79 -17.97 -20.20
N THR E 11 -6.36 -16.84 -20.62
CA THR E 11 -5.90 -15.56 -20.14
C THR E 11 -7.11 -14.72 -19.74
N ASN E 12 -6.88 -13.82 -18.81
CA ASN E 12 -8.04 -13.05 -18.29
C ASN E 12 -7.91 -11.68 -18.72
N ASP E 13 -8.89 -10.96 -18.23
CA ASP E 13 -9.08 -9.61 -18.70
C ASP E 13 -7.99 -8.68 -18.18
N LEU E 14 -7.19 -9.10 -17.20
CA LEU E 14 -6.03 -8.34 -16.72
C LEU E 14 -4.64 -8.85 -17.13
N GLY E 15 -4.63 -9.87 -17.94
CA GLY E 15 -3.39 -10.43 -18.53
C GLY E 15 -2.76 -11.58 -17.74
N SER E 16 -3.44 -12.00 -16.64
CA SER E 16 -3.02 -13.23 -16.00
C SER E 16 -3.30 -14.43 -16.82
N ASN E 17 -2.43 -15.46 -16.72
CA ASN E 17 -2.66 -16.71 -17.50
C ASN E 17 -2.82 -17.89 -16.61
N MET E 18 -3.62 -18.86 -16.99
CA MET E 18 -3.61 -20.12 -16.21
C MET E 18 -3.64 -21.27 -17.20
N THR E 19 -3.11 -22.41 -16.77
CA THR E 19 -3.13 -23.60 -17.64
C THR E 19 -3.84 -24.68 -16.83
N ILE E 20 -4.86 -25.34 -17.39
CA ILE E 20 -5.61 -26.35 -16.64
C ILE E 20 -5.35 -27.65 -17.44
N GLY E 21 -5.05 -28.66 -16.69
CA GLY E 21 -4.89 -30.01 -17.26
C GLY E 21 -6.15 -30.75 -17.58
N ALA E 22 -6.01 -32.06 -17.76
CA ALA E 22 -7.14 -32.92 -18.03
C ALA E 22 -8.10 -32.95 -16.88
N VAL E 23 -9.40 -33.04 -17.16
CA VAL E 23 -10.40 -33.20 -16.10
C VAL E 23 -10.67 -34.71 -15.97
N ASN E 24 -10.43 -35.26 -14.79
CA ASN E 24 -10.69 -36.75 -14.59
C ASN E 24 -12.21 -37.07 -14.43
N SER E 25 -12.55 -38.36 -14.21
CA SER E 25 -13.93 -38.75 -14.38
C SER E 25 -14.68 -38.31 -13.08
N ARG E 26 -13.95 -37.88 -12.07
CA ARG E 26 -14.56 -37.37 -10.81
C ARG E 26 -14.63 -35.84 -10.93
N GLY E 27 -14.29 -35.29 -12.08
CA GLY E 27 -14.45 -33.84 -12.32
C GLY E 27 -13.22 -33.07 -11.86
N GLU E 28 -12.18 -33.73 -11.37
CA GLU E 28 -11.02 -33.02 -10.80
C GLU E 28 -10.03 -32.58 -11.79
N PHE E 29 -9.38 -31.44 -11.55
CA PHE E 29 -8.31 -30.98 -12.36
C PHE E 29 -7.26 -30.25 -11.56
N THR E 30 -6.07 -30.14 -12.14
CA THR E 30 -4.95 -29.44 -11.57
C THR E 30 -4.46 -28.45 -12.61
N GLY E 31 -3.84 -27.38 -12.18
CA GLY E 31 -3.34 -26.38 -13.14
C GLY E 31 -2.25 -25.53 -12.50
N THR E 32 -1.84 -24.50 -13.26
CA THR E 32 -0.96 -23.48 -12.73
C THR E 32 -1.51 -22.12 -13.07
N TYR E 33 -1.17 -21.12 -12.24
CA TYR E 33 -1.66 -19.78 -12.43
C TYR E 33 -0.50 -18.81 -12.36
N ILE E 34 -0.39 -17.97 -13.37
CA ILE E 34 0.67 -16.94 -13.34
C ILE E 34 -0.06 -15.55 -13.38
N THR E 35 -0.16 -14.92 -12.21
CA THR E 35 -0.92 -13.69 -12.09
C THR E 35 -0.09 -12.51 -12.62
N ALA E 36 -0.77 -11.57 -13.23
CA ALA E 36 -0.20 -10.30 -13.74
C ALA E 36 -0.21 -9.25 -12.64
N VAL E 37 -1.03 -9.41 -11.60
CA VAL E 37 -1.28 -8.36 -10.58
C VAL E 37 -1.30 -9.01 -9.20
N THR E 38 -1.08 -8.24 -8.16
CA THR E 38 -1.06 -8.80 -6.85
C THR E 38 -1.55 -7.73 -5.88
N ALA E 39 -1.95 -8.17 -4.68
CA ALA E 39 -2.25 -7.27 -3.57
C ALA E 39 -0.99 -7.21 -2.67
N THR E 40 -0.26 -8.33 -2.58
CA THR E 40 1.06 -8.39 -1.84
C THR E 40 2.11 -7.57 -2.54
N SER E 41 3.14 -7.12 -1.83
CA SER E 41 4.26 -6.49 -2.57
C SER E 41 5.36 -7.48 -2.93
N ASN E 42 5.15 -8.78 -2.68
CA ASN E 42 6.20 -9.78 -3.00
C ASN E 42 6.30 -10.08 -4.47
N GLU E 43 7.46 -10.55 -4.95
CA GLU E 43 7.63 -10.91 -6.34
C GLU E 43 6.66 -12.07 -6.70
N ILE E 44 6.01 -11.94 -7.85
CA ILE E 44 5.07 -13.05 -8.38
C ILE E 44 5.84 -14.33 -8.70
N LYS E 45 5.29 -15.47 -8.34
CA LYS E 45 5.78 -16.75 -8.77
C LYS E 45 4.53 -17.50 -9.29
N GLU E 46 4.76 -18.37 -10.25
CA GLU E 46 3.73 -19.32 -10.75
C GLU E 46 3.23 -20.13 -9.58
N SER E 47 1.89 -20.34 -9.49
CA SER E 47 1.37 -21.04 -8.33
C SER E 47 0.40 -22.11 -8.80
N PRO E 48 0.26 -23.22 -8.04
CA PRO E 48 -0.62 -24.36 -8.40
C PRO E 48 -2.10 -24.00 -8.14
N LEU E 49 -2.97 -24.64 -8.89
CA LEU E 49 -4.40 -24.58 -8.55
C LEU E 49 -4.98 -25.93 -8.66
N HIS E 50 -6.08 -26.13 -7.93
CA HIS E 50 -6.75 -27.39 -8.00
C HIS E 50 -8.24 -27.11 -7.88
N GLY E 51 -9.05 -27.84 -8.60
CA GLY E 51 -10.50 -27.70 -8.43
C GLY E 51 -11.32 -28.79 -9.08
N THR E 52 -12.59 -28.56 -9.23
CA THR E 52 -13.48 -29.49 -9.83
C THR E 52 -14.49 -28.82 -10.76
N GLN E 53 -14.95 -29.61 -11.75
CA GLN E 53 -16.07 -29.22 -12.60
C GLN E 53 -17.25 -30.07 -12.18
N ASN E 54 -18.45 -29.52 -12.16
CA ASN E 54 -19.64 -30.25 -11.75
C ASN E 54 -20.08 -31.04 -13.00
N THR E 55 -20.31 -32.35 -12.83
CA THR E 55 -20.69 -33.23 -13.97
C THR E 55 -22.16 -33.65 -13.85
N ILE E 56 -22.91 -33.13 -12.90
CA ILE E 56 -24.34 -33.51 -12.82
C ILE E 56 -25.13 -33.15 -14.03
N ASN E 57 -25.84 -34.18 -14.56
CA ASN E 57 -26.55 -34.04 -15.87
C ASN E 57 -25.67 -33.80 -17.07
N LYS E 58 -24.35 -33.99 -16.90
CA LYS E 58 -23.37 -33.79 -17.98
C LYS E 58 -23.65 -32.59 -18.84
N ARG E 59 -23.86 -31.44 -18.19
CA ARG E 59 -24.17 -30.22 -18.91
C ARG E 59 -23.03 -29.81 -19.84
N THR E 60 -23.37 -29.17 -20.96
CA THR E 60 -22.35 -28.76 -21.90
C THR E 60 -21.67 -27.47 -21.37
N GLN E 61 -22.34 -26.77 -20.44
CA GLN E 61 -21.69 -25.55 -19.89
C GLN E 61 -21.63 -25.72 -18.36
N PRO E 62 -20.66 -26.49 -17.92
CA PRO E 62 -20.71 -26.92 -16.47
C PRO E 62 -20.23 -25.73 -15.54
N THR E 63 -20.77 -25.75 -14.31
CA THR E 63 -20.10 -24.94 -13.26
C THR E 63 -18.85 -25.57 -12.77
N PHE E 64 -17.98 -24.75 -12.15
CA PHE E 64 -16.72 -25.28 -11.60
C PHE E 64 -16.25 -24.38 -10.51
N GLY E 65 -15.30 -24.87 -9.78
CA GLY E 65 -14.55 -24.00 -8.81
C GLY E 65 -13.15 -24.44 -8.70
N PHE E 66 -12.26 -23.57 -8.34
CA PHE E 66 -10.87 -23.96 -8.00
C PHE E 66 -10.19 -23.05 -7.05
N THR E 67 -9.17 -23.54 -6.37
CA THR E 67 -8.37 -22.82 -5.33
C THR E 67 -7.03 -22.60 -5.92
N VAL E 68 -6.53 -21.34 -5.81
CA VAL E 68 -5.09 -21.08 -6.23
C VAL E 68 -4.32 -20.91 -4.95
N ASN E 69 -3.25 -21.74 -4.79
CA ASN E 69 -2.51 -21.79 -3.57
C ASN E 69 -1.25 -20.97 -3.80
N TRP E 70 -1.31 -19.66 -3.50
CA TRP E 70 -0.25 -18.71 -3.95
C TRP E 70 1.10 -19.11 -3.31
N LYS E 71 2.16 -19.03 -4.10
CA LYS E 71 3.47 -19.51 -3.56
C LYS E 71 4.32 -18.32 -3.20
N PHE E 72 3.79 -17.09 -3.26
CA PHE E 72 4.57 -15.91 -2.92
C PHE E 72 3.87 -15.06 -1.91
N SER E 73 2.78 -15.55 -1.30
CA SER E 73 2.15 -14.78 -0.26
C SER E 73 1.50 -15.78 0.63
N GLU E 74 0.91 -15.33 1.71
CA GLU E 74 0.22 -16.21 2.64
C GLU E 74 -1.33 -16.28 2.35
N SER E 75 -1.73 -15.62 1.25
CA SER E 75 -3.19 -15.60 0.86
C SER E 75 -3.60 -16.84 0.07
N THR E 76 -4.90 -16.96 -0.08
CA THR E 76 -5.45 -17.99 -0.97
C THR E 76 -6.59 -17.31 -1.80
N THR E 77 -6.73 -17.66 -3.06
CA THR E 77 -7.93 -17.21 -3.82
C THR E 77 -8.75 -18.35 -4.20
N VAL E 78 -10.05 -18.23 -4.17
CA VAL E 78 -10.90 -19.24 -4.81
C VAL E 78 -11.68 -18.57 -5.95
N PHE E 79 -11.92 -19.35 -7.03
CA PHE E 79 -12.71 -18.87 -8.18
C PHE E 79 -13.88 -19.82 -8.37
N THR E 80 -15.03 -19.31 -8.74
CA THR E 80 -16.12 -20.23 -9.19
C THR E 80 -16.88 -19.61 -10.34
N GLY E 81 -17.36 -20.45 -11.24
CA GLY E 81 -18.14 -19.86 -12.37
C GLY E 81 -18.58 -20.95 -13.28
N GLN E 82 -18.75 -20.55 -14.58
CA GLN E 82 -19.37 -21.53 -15.48
C GLN E 82 -18.58 -21.37 -16.79
N CYS E 83 -18.31 -22.50 -17.43
CA CYS E 83 -17.67 -22.61 -18.81
C CYS E 83 -18.86 -22.44 -19.78
N PHE E 84 -18.94 -21.30 -20.44
CA PHE E 84 -19.97 -21.06 -21.41
C PHE E 84 -19.46 -21.17 -22.85
N ILE E 85 -20.35 -21.54 -23.76
CA ILE E 85 -20.08 -21.15 -25.19
C ILE E 85 -20.74 -19.79 -25.40
N ASP E 86 -19.91 -18.81 -25.76
CA ASP E 86 -20.39 -17.45 -25.97
C ASP E 86 -21.29 -17.34 -27.20
N ARG E 87 -21.84 -16.15 -27.42
CA ARG E 87 -22.71 -15.91 -28.56
C ARG E 87 -21.96 -16.14 -29.87
N ASN E 88 -20.66 -15.89 -29.87
CA ASN E 88 -19.82 -16.08 -31.09
C ASN E 88 -19.29 -17.49 -31.19
N GLY E 89 -19.79 -18.39 -30.31
CA GLY E 89 -19.22 -19.76 -30.41
C GLY E 89 -17.95 -20.12 -29.75
N LYS E 90 -17.27 -19.17 -29.14
CA LYS E 90 -16.04 -19.41 -28.43
C LYS E 90 -16.26 -19.81 -26.98
N GLU E 91 -15.32 -20.57 -26.44
CA GLU E 91 -15.45 -20.86 -24.99
C GLU E 91 -15.11 -19.65 -24.20
N VAL E 92 -15.76 -19.50 -23.01
CA VAL E 92 -15.40 -18.37 -22.16
C VAL E 92 -15.71 -18.85 -20.74
N LEU E 93 -14.80 -18.54 -19.85
CA LEU E 93 -15.10 -18.77 -18.37
C LEU E 93 -15.55 -17.49 -17.74
N LYS E 94 -16.72 -17.52 -17.14
CA LYS E 94 -17.19 -16.37 -16.41
C LYS E 94 -17.10 -16.74 -14.94
N THR E 95 -16.26 -16.01 -14.20
CA THR E 95 -15.98 -16.45 -12.80
C THR E 95 -16.12 -15.25 -11.86
N MET E 96 -16.35 -15.60 -10.58
CA MET E 96 -16.21 -14.64 -9.44
C MET E 96 -15.17 -15.24 -8.51
N TRP E 97 -14.52 -14.37 -7.78
CA TRP E 97 -13.48 -14.87 -6.84
C TRP E 97 -13.52 -14.19 -5.52
N LEU E 98 -12.94 -14.88 -4.54
CA LEU E 98 -12.69 -14.32 -3.19
C LEU E 98 -11.19 -14.50 -2.94
N LEU E 99 -10.53 -13.40 -2.56
CA LEU E 99 -9.05 -13.37 -2.22
C LEU E 99 -9.02 -13.22 -0.72
N ARG E 100 -8.55 -14.27 -0.02
CA ARG E 100 -8.50 -14.25 1.43
C ARG E 100 -7.02 -13.90 1.83
N SER E 101 -6.87 -12.79 2.54
CA SER E 101 -5.55 -12.38 3.07
C SER E 101 -5.44 -13.03 4.43
N SER E 102 -4.16 -13.20 4.87
CA SER E 102 -3.91 -13.68 6.23
C SER E 102 -3.90 -12.52 7.24
N VAL E 103 -4.62 -12.64 8.33
CA VAL E 103 -4.58 -11.56 9.39
C VAL E 103 -3.88 -12.21 10.58
N ASN E 104 -3.37 -11.31 11.48
CA ASN E 104 -2.70 -11.83 12.66
C ASN E 104 -3.58 -12.02 13.80
N ASP E 105 -4.76 -11.41 13.86
CA ASP E 105 -5.62 -11.48 15.00
C ASP E 105 -7.00 -11.71 14.45
N ILE E 106 -7.80 -12.54 15.13
CA ILE E 106 -9.15 -12.92 14.74
C ILE E 106 -10.05 -11.65 14.71
N GLY E 107 -9.69 -10.62 15.50
CA GLY E 107 -10.48 -9.36 15.51
C GLY E 107 -10.39 -8.65 14.16
N ASP E 108 -9.43 -8.96 13.29
CA ASP E 108 -9.25 -8.25 12.01
C ASP E 108 -9.89 -9.12 10.83
N ASP E 109 -10.43 -10.28 11.20
CA ASP E 109 -11.01 -11.19 10.16
C ASP E 109 -12.00 -10.43 9.23
N TRP E 110 -12.76 -9.48 9.76
CA TRP E 110 -13.74 -8.80 8.90
C TRP E 110 -13.17 -8.20 7.68
N LYS E 111 -11.91 -7.75 7.70
CA LYS E 111 -11.30 -7.05 6.56
C LYS E 111 -10.46 -7.87 5.62
N ALA E 112 -10.49 -9.20 5.84
CA ALA E 112 -9.61 -10.05 5.11
C ALA E 112 -9.99 -10.59 3.77
N THR E 113 -11.23 -10.26 3.32
CA THR E 113 -11.65 -10.89 2.07
C THR E 113 -12.07 -9.92 0.96
N ARG E 114 -11.36 -9.99 -0.17
CA ARG E 114 -11.69 -9.13 -1.34
C ARG E 114 -12.50 -10.01 -2.29
N VAL E 115 -13.30 -9.33 -3.14
CA VAL E 115 -14.18 -10.01 -4.11
C VAL E 115 -14.07 -9.31 -5.43
N GLY E 116 -14.28 -10.07 -6.48
CA GLY E 116 -14.29 -9.51 -7.86
C GLY E 116 -14.66 -10.55 -8.91
N ILE E 117 -14.61 -10.13 -10.16
CA ILE E 117 -14.94 -11.00 -11.30
C ILE E 117 -13.66 -11.26 -12.15
N ASN E 118 -13.75 -12.32 -12.95
CA ASN E 118 -12.70 -12.43 -14.01
C ASN E 118 -13.35 -13.19 -15.15
N ILE E 119 -13.06 -12.72 -16.35
CA ILE E 119 -13.49 -13.44 -17.52
C ILE E 119 -12.23 -14.05 -18.20
N PHE E 120 -12.28 -15.37 -18.52
CA PHE E 120 -11.07 -15.98 -19.17
C PHE E 120 -11.47 -16.48 -20.55
N THR E 121 -10.48 -16.30 -21.47
CA THR E 121 -10.65 -16.75 -22.86
C THR E 121 -9.40 -17.63 -23.15
N ARG E 122 -9.52 -18.51 -24.14
CA ARG E 122 -8.36 -19.41 -24.37
C ARG E 122 -7.23 -18.74 -25.09
N LEU E 123 -6.03 -19.10 -24.71
CA LEU E 123 -4.78 -18.57 -25.40
C LEU E 123 -4.24 -19.72 -26.24
N LYS F 3 -0.12 -24.16 14.20
CA LYS F 3 -0.61 -25.37 14.75
C LYS F 3 -2.13 -25.44 14.57
N CYS F 4 -2.79 -24.50 13.85
CA CYS F 4 -4.25 -24.72 13.58
C CYS F 4 -4.33 -25.64 12.40
N SER F 5 -4.98 -26.79 12.58
CA SER F 5 -5.02 -27.80 11.54
C SER F 5 -6.44 -27.91 10.99
N LEU F 6 -6.57 -28.09 9.69
CA LEU F 6 -7.91 -28.26 9.10
C LEU F 6 -8.50 -29.65 9.20
N THR F 7 -7.64 -30.61 9.57
CA THR F 7 -8.08 -31.98 9.59
C THR F 7 -9.03 -32.24 10.76
N GLY F 8 -10.17 -32.83 10.50
CA GLY F 8 -11.13 -33.12 11.53
C GLY F 8 -12.53 -33.14 11.03
N LYS F 9 -13.50 -33.23 11.89
CA LYS F 9 -14.89 -33.10 11.60
C LYS F 9 -15.37 -31.79 12.15
N TRP F 10 -16.08 -31.05 11.29
CA TRP F 10 -16.47 -29.63 11.65
C TRP F 10 -17.95 -29.46 11.43
N THR F 11 -18.56 -28.53 12.14
CA THR F 11 -19.94 -28.15 11.91
C THR F 11 -20.05 -26.62 11.80
N ASN F 12 -21.03 -26.17 11.09
CA ASN F 12 -21.06 -24.70 10.93
C ASN F 12 -22.22 -24.22 11.60
N ASP F 13 -22.30 -22.87 11.43
CA ASP F 13 -23.29 -22.18 12.18
C ASP F 13 -24.74 -22.49 11.74
N LEU F 14 -25.00 -23.10 10.52
CA LEU F 14 -26.30 -23.54 10.07
C LEU F 14 -26.57 -25.07 10.25
N GLY F 15 -25.63 -25.74 10.84
CA GLY F 15 -25.83 -27.16 11.13
C GLY F 15 -25.27 -28.10 10.08
N SER F 16 -24.69 -27.56 9.02
CA SER F 16 -23.97 -28.43 8.10
C SER F 16 -22.71 -29.02 8.65
N ASN F 17 -22.36 -30.27 8.24
CA ASN F 17 -21.09 -30.78 8.67
C ASN F 17 -20.11 -31.03 7.54
N MET F 18 -18.83 -31.06 7.85
CA MET F 18 -17.87 -31.46 6.87
C MET F 18 -16.74 -32.20 7.53
N THR F 19 -16.16 -33.08 6.77
CA THR F 19 -14.89 -33.66 7.16
C THR F 19 -13.80 -33.28 6.30
N ILE F 20 -12.58 -33.13 6.84
CA ILE F 20 -11.36 -32.88 6.06
C ILE F 20 -10.35 -33.89 6.55
N GLY F 21 -9.72 -34.55 5.60
CA GLY F 21 -8.69 -35.54 5.99
C GLY F 21 -7.35 -34.91 6.20
N ALA F 22 -6.31 -35.76 6.16
CA ALA F 22 -5.00 -35.27 6.31
C ALA F 22 -4.53 -34.27 5.20
N VAL F 23 -3.80 -33.28 5.66
CA VAL F 23 -3.26 -32.26 4.73
C VAL F 23 -1.86 -32.76 4.31
N ASN F 24 -1.64 -32.94 3.02
CA ASN F 24 -0.28 -33.39 2.56
C ASN F 24 0.78 -32.24 2.56
N SER F 25 2.04 -32.60 2.28
CA SER F 25 3.13 -31.61 2.42
C SER F 25 3.01 -30.45 1.43
N ARG F 26 2.32 -30.72 0.31
CA ARG F 26 1.89 -29.70 -0.70
C ARG F 26 0.65 -28.84 -0.24
N GLY F 27 0.10 -29.08 0.95
CA GLY F 27 -1.05 -28.30 1.48
C GLY F 27 -2.39 -28.89 0.98
N GLU F 28 -2.39 -29.98 0.22
CA GLU F 28 -3.64 -30.52 -0.40
C GLU F 28 -4.42 -31.32 0.58
N PHE F 29 -5.76 -31.22 0.49
CA PHE F 29 -6.67 -32.05 1.25
C PHE F 29 -7.94 -32.40 0.49
N THR F 30 -8.59 -33.45 0.94
CA THR F 30 -9.90 -33.85 0.45
C THR F 30 -10.85 -33.95 1.61
N GLY F 31 -12.12 -33.94 1.32
CA GLY F 31 -13.08 -33.95 2.43
C GLY F 31 -14.41 -34.34 1.93
N THR F 32 -15.37 -34.23 2.83
CA THR F 32 -16.77 -34.43 2.48
C THR F 32 -17.64 -33.30 3.11
N TYR F 33 -18.78 -33.03 2.53
CA TYR F 33 -19.64 -31.96 2.99
C TYR F 33 -21.09 -32.42 3.00
N ILE F 34 -21.75 -32.35 4.13
CA ILE F 34 -23.16 -32.71 4.16
C ILE F 34 -23.93 -31.46 4.59
N THR F 35 -24.55 -30.86 3.66
CA THR F 35 -25.22 -29.59 3.95
C THR F 35 -26.59 -29.78 4.63
N ALA F 36 -26.88 -28.86 5.54
CA ALA F 36 -28.20 -28.89 6.19
C ALA F 36 -29.25 -28.08 5.46
N VAL F 37 -28.84 -27.22 4.50
CA VAL F 37 -29.70 -26.36 3.78
C VAL F 37 -29.35 -26.43 2.28
N THR F 38 -30.32 -26.05 1.48
CA THR F 38 -30.14 -26.15 0.08
C THR F 38 -30.85 -25.05 -0.66
N ALA F 39 -30.38 -24.74 -1.89
CA ALA F 39 -31.09 -23.82 -2.76
C ALA F 39 -31.96 -24.54 -3.80
N THR F 40 -31.68 -25.80 -3.98
CA THR F 40 -32.49 -26.75 -4.85
C THR F 40 -33.56 -27.49 -4.11
N SER F 41 -34.58 -27.94 -4.85
CA SER F 41 -35.52 -28.90 -4.29
C SER F 41 -35.04 -30.37 -4.36
N ASN F 42 -33.86 -30.65 -4.94
CA ASN F 42 -33.40 -32.03 -5.00
C ASN F 42 -32.97 -32.53 -3.63
N GLU F 43 -33.07 -33.83 -3.39
CA GLU F 43 -32.70 -34.37 -2.07
C GLU F 43 -31.14 -34.24 -1.88
N ILE F 44 -30.76 -33.89 -0.70
CA ILE F 44 -29.40 -33.61 -0.42
C ILE F 44 -28.66 -34.90 -0.36
N LYS F 45 -27.42 -34.93 -0.84
CA LYS F 45 -26.49 -36.07 -0.78
C LYS F 45 -25.15 -35.54 -0.34
N GLU F 46 -24.45 -36.27 0.48
CA GLU F 46 -23.06 -35.88 0.88
C GLU F 46 -22.25 -35.76 -0.36
N SER F 47 -21.42 -34.71 -0.41
CA SER F 47 -20.67 -34.35 -1.61
C SER F 47 -19.23 -34.13 -1.27
N PRO F 48 -18.31 -34.37 -2.24
CA PRO F 48 -16.88 -34.31 -1.99
C PRO F 48 -16.39 -32.85 -2.05
N LEU F 49 -15.29 -32.63 -1.41
CA LEU F 49 -14.62 -31.30 -1.49
C LEU F 49 -13.14 -31.50 -1.58
N HIS F 50 -12.45 -30.53 -2.19
CA HIS F 50 -11.04 -30.65 -2.41
C HIS F 50 -10.51 -29.22 -2.23
N GLY F 51 -9.37 -29.06 -1.61
CA GLY F 51 -8.78 -27.72 -1.43
C GLY F 51 -7.29 -27.75 -1.05
N THR F 52 -6.84 -26.62 -0.59
CA THR F 52 -5.36 -26.47 -0.19
C THR F 52 -5.34 -25.50 0.91
N GLN F 53 -4.39 -25.72 1.80
CA GLN F 53 -4.02 -24.76 2.83
C GLN F 53 -2.74 -24.07 2.32
N ASN F 54 -2.59 -22.77 2.60
CA ASN F 54 -1.42 -22.05 2.21
C ASN F 54 -0.29 -22.43 3.19
N THR F 55 0.91 -22.77 2.65
CA THR F 55 1.99 -23.20 3.62
C THR F 55 3.12 -22.21 3.62
N ILE F 56 2.95 -21.03 3.07
CA ILE F 56 4.05 -20.05 2.99
C ILE F 56 4.33 -19.52 4.35
N ASN F 57 5.63 -19.55 4.77
CA ASN F 57 6.02 -19.21 6.20
C ASN F 57 5.49 -20.15 7.28
N LYS F 58 4.94 -21.29 6.86
CA LYS F 58 4.30 -22.25 7.75
C LYS F 58 3.57 -21.58 8.91
N ARG F 59 2.65 -20.69 8.55
CA ARG F 59 1.91 -19.92 9.55
C ARG F 59 1.05 -20.82 10.43
N THR F 60 1.01 -20.53 11.73
CA THR F 60 0.23 -21.30 12.62
C THR F 60 -1.28 -21.15 12.38
N GLN F 61 -1.68 -20.03 11.72
CA GLN F 61 -3.12 -19.81 11.46
C GLN F 61 -3.25 -19.61 9.94
N PRO F 62 -3.16 -20.71 9.17
CA PRO F 62 -3.05 -20.54 7.73
C PRO F 62 -4.42 -20.16 7.06
N THR F 63 -4.24 -19.52 5.91
CA THR F 63 -5.44 -19.45 5.02
C THR F 63 -5.59 -20.69 4.27
N PHE F 64 -6.80 -20.84 3.67
CA PHE F 64 -7.04 -22.08 2.85
C PHE F 64 -8.25 -21.79 1.93
N GLY F 65 -8.48 -22.70 1.02
CA GLY F 65 -9.66 -22.57 0.11
C GLY F 65 -10.06 -23.99 -0.26
N PHE F 66 -11.33 -24.19 -0.52
CA PHE F 66 -11.71 -25.48 -1.10
C PHE F 66 -12.99 -25.37 -1.90
N THR F 67 -13.21 -26.36 -2.75
CA THR F 67 -14.40 -26.39 -3.65
C THR F 67 -15.25 -27.53 -3.21
N VAL F 68 -16.56 -27.33 -3.15
CA VAL F 68 -17.54 -28.44 -2.91
C VAL F 68 -18.24 -28.74 -4.23
N ASN F 69 -18.06 -30.00 -4.66
CA ASN F 69 -18.57 -30.43 -5.94
C ASN F 69 -19.93 -31.11 -5.66
N TRP F 70 -21.02 -30.35 -5.66
CA TRP F 70 -22.33 -30.90 -5.18
C TRP F 70 -22.80 -32.05 -6.08
N LYS F 71 -23.22 -33.10 -5.38
CA LYS F 71 -23.67 -34.38 -6.10
C LYS F 71 -25.16 -34.39 -6.31
N PHE F 72 -25.92 -33.35 -5.95
CA PHE F 72 -27.36 -33.35 -6.11
C PHE F 72 -27.92 -32.12 -6.79
N SER F 73 -26.97 -31.36 -7.33
CA SER F 73 -27.28 -30.20 -8.13
C SER F 73 -26.19 -29.86 -9.14
N GLU F 74 -26.47 -28.95 -10.06
CA GLU F 74 -25.50 -28.54 -11.05
C GLU F 74 -24.57 -27.38 -10.58
N SER F 75 -24.76 -27.03 -9.34
CA SER F 75 -24.00 -25.87 -8.77
C SER F 75 -22.65 -26.29 -8.20
N THR F 76 -21.83 -25.26 -7.93
CA THR F 76 -20.55 -25.47 -7.23
C THR F 76 -20.41 -24.37 -6.14
N THR F 77 -19.84 -24.73 -4.99
CA THR F 77 -19.55 -23.66 -3.99
C THR F 77 -18.07 -23.66 -3.73
N VAL F 78 -17.47 -22.47 -3.55
CA VAL F 78 -16.09 -22.38 -3.09
C VAL F 78 -16.15 -21.67 -1.76
N PHE F 79 -15.23 -22.06 -0.83
CA PHE F 79 -15.05 -21.41 0.51
C PHE F 79 -13.59 -21.01 0.64
N THR F 80 -13.33 -19.88 1.31
CA THR F 80 -11.94 -19.50 1.61
C THR F 80 -11.96 -18.83 2.94
N GLY F 81 -10.88 -19.02 3.72
CA GLY F 81 -10.95 -18.44 5.05
C GLY F 81 -9.59 -18.77 5.75
N GLN F 82 -9.68 -18.62 7.08
CA GLN F 82 -8.37 -18.76 7.83
C GLN F 82 -8.78 -19.61 9.06
N CYS F 83 -7.80 -20.40 9.50
CA CYS F 83 -7.93 -21.25 10.66
C CYS F 83 -7.33 -20.52 11.89
N PHE F 84 -8.15 -20.22 12.86
CA PHE F 84 -7.65 -19.53 14.09
C PHE F 84 -7.69 -20.51 15.23
N ILE F 85 -6.65 -20.44 16.06
CA ILE F 85 -6.60 -21.41 17.23
C ILE F 85 -6.28 -20.57 18.45
N ASP F 86 -6.99 -20.83 19.55
CA ASP F 86 -6.76 -20.01 20.80
C ASP F 86 -5.68 -20.62 21.76
N ARG F 87 -5.36 -19.86 22.86
CA ARG F 87 -4.59 -20.24 24.09
C ARG F 87 -4.63 -21.75 24.47
N ASN F 88 -5.83 -22.32 24.39
CA ASN F 88 -6.12 -23.68 24.81
C ASN F 88 -6.37 -24.65 23.69
N GLY F 89 -5.96 -24.27 22.47
CA GLY F 89 -6.07 -25.16 21.33
C GLY F 89 -7.44 -25.28 20.68
N LYS F 90 -8.43 -24.44 21.05
CA LYS F 90 -9.79 -24.43 20.38
C LYS F 90 -9.73 -23.79 18.96
N GLU F 91 -10.22 -24.49 17.94
CA GLU F 91 -10.03 -23.94 16.56
C GLU F 91 -11.30 -23.45 16.07
N VAL F 92 -11.21 -22.45 15.19
CA VAL F 92 -12.44 -22.01 14.46
C VAL F 92 -11.97 -21.69 13.01
N LEU F 93 -12.82 -22.05 12.05
CA LEU F 93 -12.47 -21.65 10.65
C LEU F 93 -13.44 -20.48 10.36
N LYS F 94 -12.91 -19.34 9.98
CA LYS F 94 -13.73 -18.20 9.59
C LYS F 94 -13.64 -18.14 8.08
N THR F 95 -14.78 -18.32 7.40
CA THR F 95 -14.77 -18.44 5.95
C THR F 95 -15.81 -17.53 5.31
N MET F 96 -15.60 -17.29 4.02
CA MET F 96 -16.62 -16.76 3.12
C MET F 96 -16.78 -17.68 1.95
N TRP F 97 -17.96 -17.62 1.32
CA TRP F 97 -18.17 -18.56 0.19
C TRP F 97 -18.91 -17.89 -0.95
N LEU F 98 -18.73 -18.49 -2.09
CA LEU F 98 -19.55 -18.10 -3.26
C LEU F 98 -20.26 -19.39 -3.69
N LEU F 99 -21.59 -19.33 -3.90
CA LEU F 99 -22.39 -20.44 -4.48
C LEU F 99 -22.73 -20.09 -5.92
N ARG F 100 -22.20 -20.82 -6.85
CA ARG F 100 -22.47 -20.61 -8.26
C ARG F 100 -23.57 -21.55 -8.77
N SER F 101 -24.68 -20.95 -9.19
CA SER F 101 -25.75 -21.73 -9.78
C SER F 101 -25.45 -21.84 -11.29
N SER F 102 -26.00 -22.96 -11.86
CA SER F 102 -25.92 -23.05 -13.35
C SER F 102 -27.07 -22.29 -14.02
N VAL F 103 -26.72 -21.47 -15.01
CA VAL F 103 -27.79 -20.83 -15.83
C VAL F 103 -27.63 -21.37 -17.25
N ASN F 104 -28.76 -21.47 -17.98
CA ASN F 104 -28.62 -22.02 -19.35
C ASN F 104 -28.10 -21.01 -20.31
N ASP F 105 -28.34 -19.70 -20.07
CA ASP F 105 -27.96 -18.74 -21.05
C ASP F 105 -26.91 -17.78 -20.47
N ILE F 106 -25.88 -17.47 -21.21
CA ILE F 106 -24.83 -16.60 -20.72
C ILE F 106 -25.37 -15.18 -20.37
N GLY F 107 -26.52 -14.77 -20.95
CA GLY F 107 -27.01 -13.43 -20.60
C GLY F 107 -27.56 -13.39 -19.16
N ASP F 108 -27.74 -14.54 -18.54
CA ASP F 108 -28.22 -14.61 -17.15
C ASP F 108 -27.06 -14.82 -16.15
N ASP F 109 -25.79 -14.75 -16.62
CA ASP F 109 -24.64 -14.96 -15.74
C ASP F 109 -24.72 -14.05 -14.52
N TRP F 110 -25.16 -12.81 -14.74
CA TRP F 110 -25.12 -11.84 -13.67
C TRP F 110 -25.88 -12.32 -12.45
N LYS F 111 -26.88 -13.17 -12.56
CA LYS F 111 -27.60 -13.50 -11.36
C LYS F 111 -27.21 -14.85 -10.74
N ALA F 112 -26.12 -15.38 -11.22
CA ALA F 112 -25.77 -16.76 -10.84
C ALA F 112 -24.92 -16.97 -9.58
N THR F 113 -24.48 -15.90 -8.94
CA THR F 113 -23.53 -16.04 -7.84
C THR F 113 -24.04 -15.45 -6.53
N ARG F 114 -24.27 -16.33 -5.56
CA ARG F 114 -24.61 -15.85 -4.18
C ARG F 114 -23.34 -15.85 -3.30
N VAL F 115 -23.35 -14.97 -2.27
CA VAL F 115 -22.14 -14.90 -1.42
C VAL F 115 -22.67 -14.89 0.04
N GLY F 116 -21.78 -15.37 0.92
CA GLY F 116 -22.14 -15.38 2.39
C GLY F 116 -20.91 -15.79 3.21
N ILE F 117 -21.15 -15.92 4.50
CA ILE F 117 -20.10 -16.32 5.46
C ILE F 117 -20.49 -17.70 6.06
N ASN F 118 -19.45 -18.27 6.75
CA ASN F 118 -19.70 -19.46 7.59
C ASN F 118 -18.57 -19.53 8.59
N ILE F 119 -18.99 -19.80 9.81
CA ILE F 119 -17.98 -20.14 10.83
C ILE F 119 -18.11 -21.66 11.16
N PHE F 120 -16.97 -22.34 11.08
CA PHE F 120 -17.00 -23.84 11.44
C PHE F 120 -16.22 -23.99 12.80
N THR F 121 -16.77 -24.88 13.59
CA THR F 121 -16.06 -25.28 14.81
C THR F 121 -15.92 -26.81 14.75
N ARG F 122 -15.03 -27.33 15.58
CA ARG F 122 -14.89 -28.82 15.61
C ARG F 122 -16.11 -29.58 16.20
N LEU F 123 -16.48 -30.67 15.53
CA LEU F 123 -17.56 -31.54 16.02
C LEU F 123 -16.79 -32.71 16.59
N ALA G 1 -45.14 -11.53 12.59
CA ALA G 1 -46.05 -10.84 13.53
C ALA G 1 -45.72 -9.32 13.82
N ARG G 2 -44.66 -8.98 14.60
CA ARG G 2 -44.35 -7.53 14.81
C ARG G 2 -43.88 -7.02 13.43
N LYS G 3 -44.00 -5.71 13.22
CA LYS G 3 -43.28 -5.08 12.05
C LYS G 3 -41.90 -4.77 12.52
N CYS G 4 -40.91 -5.08 11.67
CA CYS G 4 -39.55 -4.73 12.02
C CYS G 4 -39.23 -3.37 11.45
N SER G 5 -38.82 -2.48 12.32
CA SER G 5 -38.57 -1.10 11.90
C SER G 5 -37.07 -0.85 11.98
N LEU G 6 -36.56 -0.05 11.06
CA LEU G 6 -35.13 0.33 11.06
C LEU G 6 -34.75 1.43 12.04
N THR G 7 -35.71 2.25 12.44
CA THR G 7 -35.44 3.46 13.26
C THR G 7 -34.99 3.05 14.65
N GLY G 8 -33.91 3.67 15.13
CA GLY G 8 -33.38 3.27 16.44
C GLY G 8 -31.88 3.27 16.49
N LYS G 9 -31.34 2.88 17.64
CA LYS G 9 -29.88 2.79 17.77
C LYS G 9 -29.55 1.28 17.74
N TRP G 10 -28.58 0.90 16.95
CA TRP G 10 -28.20 -0.48 16.78
C TRP G 10 -26.72 -0.71 17.06
N THR G 11 -26.35 -1.95 17.39
CA THR G 11 -24.96 -2.28 17.58
C THR G 11 -24.67 -3.60 16.87
N ASN G 12 -23.44 -3.81 16.54
CA ASN G 12 -23.16 -5.03 15.83
C ASN G 12 -22.20 -5.83 16.49
N ASP G 13 -21.89 -6.88 15.72
CA ASP G 13 -21.19 -7.98 16.23
C ASP G 13 -19.69 -7.64 16.48
N LEU G 14 -19.19 -6.47 15.98
CA LEU G 14 -17.86 -5.87 16.23
C LEU G 14 -17.82 -4.65 17.22
N GLY G 15 -18.94 -4.25 17.77
CA GLY G 15 -18.98 -3.14 18.71
C GLY G 15 -19.30 -1.80 18.04
N SER G 16 -19.50 -1.82 16.72
CA SER G 16 -19.87 -0.58 16.04
C SER G 16 -21.30 -0.22 16.31
N ASN G 17 -21.62 1.09 16.31
CA ASN G 17 -22.99 1.47 16.53
C ASN G 17 -23.49 2.32 15.40
N MET G 18 -24.78 2.21 15.11
CA MET G 18 -25.41 3.16 14.17
C MET G 18 -26.74 3.59 14.69
N THR G 19 -27.08 4.84 14.31
CA THR G 19 -28.40 5.38 14.68
C THR G 19 -29.16 5.69 13.38
N ILE G 20 -30.40 5.17 13.21
CA ILE G 20 -31.19 5.45 12.02
C ILE G 20 -32.41 6.26 12.48
N GLY G 21 -32.68 7.30 11.73
CA GLY G 21 -33.81 8.18 12.04
C GLY G 21 -35.13 7.65 11.48
N ALA G 22 -36.12 8.54 11.38
CA ALA G 22 -37.42 8.10 10.86
C ALA G 22 -37.33 7.75 9.42
N VAL G 23 -38.14 6.80 8.99
CA VAL G 23 -38.22 6.43 7.59
C VAL G 23 -39.42 7.16 6.99
N ASN G 24 -39.20 7.89 5.91
CA ASN G 24 -40.27 8.76 5.32
C ASN G 24 -41.14 7.91 4.40
N SER G 25 -42.22 8.55 3.88
CA SER G 25 -43.23 7.76 3.19
C SER G 25 -42.60 7.21 1.85
N ARG G 26 -41.42 7.72 1.46
CA ARG G 26 -40.69 7.24 0.21
C ARG G 26 -39.70 6.15 0.58
N GLY G 27 -39.66 5.77 1.85
CA GLY G 27 -38.76 4.73 2.37
C GLY G 27 -37.44 5.30 2.70
N GLU G 28 -37.22 6.62 2.66
CA GLU G 28 -35.83 7.16 2.88
C GLU G 28 -35.48 7.35 4.32
N PHE G 29 -34.18 7.18 4.69
CA PHE G 29 -33.75 7.47 6.02
C PHE G 29 -32.31 7.93 6.00
N THR G 30 -31.97 8.64 7.07
CA THR G 30 -30.62 9.14 7.31
C THR G 30 -30.21 8.63 8.65
N GLY G 31 -28.91 8.58 8.88
CA GLY G 31 -28.45 8.16 10.21
C GLY G 31 -26.96 8.48 10.39
N THR G 32 -26.41 7.93 11.45
CA THR G 32 -24.95 8.11 11.72
C THR G 32 -24.39 6.74 12.01
N TYR G 33 -23.13 6.55 11.71
CA TYR G 33 -22.47 5.29 11.94
C TYR G 33 -21.15 5.57 12.68
N ILE G 34 -20.96 4.89 13.81
CA ILE G 34 -19.66 5.07 14.50
C ILE G 34 -18.99 3.69 14.52
N THR G 35 -18.02 3.49 13.62
CA THR G 35 -17.41 2.14 13.54
C THR G 35 -16.36 1.90 14.66
N ALA G 36 -16.32 0.66 15.16
CA ALA G 36 -15.31 0.24 16.17
C ALA G 36 -14.00 -0.15 15.51
N VAL G 37 -14.01 -0.44 14.21
CA VAL G 37 -12.83 -0.97 13.41
C VAL G 37 -12.61 -0.20 12.14
N THR G 38 -11.37 -0.21 11.63
CA THR G 38 -11.14 0.42 10.35
C THR G 38 -10.12 -0.38 9.63
N ALA G 39 -10.06 -0.22 8.28
CA ALA G 39 -8.98 -0.86 7.49
C ALA G 39 -7.87 0.19 7.27
N THR G 40 -8.14 1.44 7.71
CA THR G 40 -7.25 2.61 7.42
C THR G 40 -6.21 2.73 8.50
N SER G 41 -5.17 3.55 8.18
CA SER G 41 -4.12 3.88 9.16
C SER G 41 -4.52 5.17 9.84
N ASN G 42 -5.81 5.45 9.98
CA ASN G 42 -6.19 6.58 10.86
C ASN G 42 -7.19 6.42 12.03
N GLU G 43 -7.56 7.58 12.65
CA GLU G 43 -8.50 7.69 13.82
C GLU G 43 -9.88 7.68 13.19
N ILE G 44 -10.82 7.04 13.85
CA ILE G 44 -12.23 7.00 13.37
C ILE G 44 -13.02 8.27 13.86
N LYS G 45 -13.99 8.77 13.08
CA LYS G 45 -14.95 9.78 13.47
C LYS G 45 -16.32 9.23 12.99
N GLU G 46 -17.34 9.68 13.70
CA GLU G 46 -18.79 9.39 13.32
C GLU G 46 -19.00 9.87 11.89
N SER G 47 -19.75 9.06 11.06
CA SER G 47 -19.91 9.39 9.68
C SER G 47 -21.36 9.21 9.29
N PRO G 48 -21.84 9.97 8.35
CA PRO G 48 -23.30 9.92 8.05
C PRO G 48 -23.62 8.71 7.14
N LEU G 49 -24.89 8.29 7.22
CA LEU G 49 -25.33 7.26 6.29
C LEU G 49 -26.72 7.65 5.78
N HIS G 50 -27.00 7.13 4.58
CA HIS G 50 -28.30 7.43 3.95
C HIS G 50 -28.73 6.17 3.20
N GLY G 51 -30.04 5.90 3.20
CA GLY G 51 -30.54 4.70 2.52
C GLY G 51 -32.01 4.65 2.35
N THR G 52 -32.48 3.53 1.93
CA THR G 52 -33.97 3.33 1.76
C THR G 52 -34.30 1.94 2.23
N GLN G 53 -35.60 1.85 2.62
CA GLN G 53 -36.25 0.60 2.91
C GLN G 53 -37.27 0.34 1.86
N ASN G 54 -37.32 -0.90 1.38
CA ASN G 54 -38.32 -1.25 0.32
C ASN G 54 -39.65 -1.31 1.00
N THR G 55 -40.65 -0.69 0.28
CA THR G 55 -42.01 -0.73 0.90
C THR G 55 -43.00 -1.46 0.00
N ILE G 56 -42.53 -2.17 -0.98
CA ILE G 56 -43.42 -2.97 -1.82
C ILE G 56 -44.06 -4.09 -1.03
N ASN G 57 -45.43 -4.17 -1.25
CA ASN G 57 -46.28 -5.12 -0.51
C ASN G 57 -46.26 -4.87 1.00
N LYS G 58 -45.70 -3.73 1.42
CA LYS G 58 -45.67 -3.37 2.84
C LYS G 58 -45.29 -4.55 3.76
N ARG G 59 -44.14 -5.19 3.46
CA ARG G 59 -43.73 -6.36 4.18
C ARG G 59 -43.36 -6.01 5.65
N THR G 60 -43.68 -6.89 6.56
CA THR G 60 -43.32 -6.66 7.95
C THR G 60 -41.77 -6.79 8.13
N GLN G 61 -41.13 -7.49 7.21
CA GLN G 61 -39.67 -7.72 7.39
C GLN G 61 -39.02 -7.22 6.04
N PRO G 62 -38.90 -5.91 5.92
CA PRO G 62 -38.51 -5.36 4.60
C PRO G 62 -37.03 -5.42 4.32
N THR G 63 -36.67 -5.56 3.03
CA THR G 63 -35.23 -5.31 2.69
C THR G 63 -34.91 -3.82 2.66
N PHE G 64 -33.62 -3.55 2.71
CA PHE G 64 -33.18 -2.15 2.72
C PHE G 64 -31.75 -2.07 2.29
N GLY G 65 -31.33 -0.87 2.01
CA GLY G 65 -29.87 -0.66 1.82
C GLY G 65 -29.46 0.72 2.23
N PHE G 66 -28.21 0.90 2.55
CA PHE G 66 -27.72 2.28 2.86
C PHE G 66 -26.24 2.40 2.55
N THR G 67 -25.80 3.65 2.44
CA THR G 67 -24.42 3.99 2.10
C THR G 67 -23.87 4.74 3.26
N VAL G 68 -22.66 4.36 3.68
CA VAL G 68 -21.91 5.13 4.78
C VAL G 68 -20.87 5.97 4.12
N ASN G 69 -20.95 7.30 4.29
CA ASN G 69 -20.03 8.15 3.61
C ASN G 69 -18.91 8.54 4.63
N TRP G 70 -17.84 7.71 4.68
CA TRP G 70 -16.89 7.85 5.80
C TRP G 70 -16.18 9.21 5.76
N LYS G 71 -16.08 9.81 6.92
CA LYS G 71 -15.53 11.21 6.92
C LYS G 71 -14.05 11.20 7.24
N PHE G 72 -13.43 10.05 7.49
CA PHE G 72 -12.01 9.99 7.90
C PHE G 72 -11.22 9.24 6.86
N SER G 73 -11.84 8.90 5.76
CA SER G 73 -11.26 8.04 4.74
C SER G 73 -11.84 8.40 3.37
N GLU G 74 -11.16 8.05 2.28
CA GLU G 74 -11.68 8.19 0.95
C GLU G 74 -12.59 7.04 0.54
N SER G 75 -12.76 6.10 1.44
CA SER G 75 -13.53 4.89 1.11
C SER G 75 -15.03 5.17 1.33
N THR G 76 -15.83 4.22 0.75
CA THR G 76 -17.31 4.21 0.94
C THR G 76 -17.73 2.78 1.25
N THR G 77 -18.69 2.60 2.16
CA THR G 77 -19.29 1.23 2.36
C THR G 77 -20.72 1.26 2.02
N VAL G 78 -21.19 0.19 1.41
CA VAL G 78 -22.64 0.01 1.28
C VAL G 78 -23.08 -1.26 1.99
N PHE G 79 -24.26 -1.17 2.63
CA PHE G 79 -24.88 -2.36 3.31
C PHE G 79 -26.20 -2.63 2.70
N THR G 80 -26.57 -3.91 2.61
CA THR G 80 -27.99 -4.22 2.23
C THR G 80 -28.37 -5.45 3.06
N GLY G 81 -29.69 -5.58 3.29
CA GLY G 81 -30.07 -6.71 4.19
C GLY G 81 -31.58 -6.71 4.34
N GLN G 82 -31.99 -7.41 5.42
CA GLN G 82 -33.44 -7.40 5.69
C GLN G 82 -33.55 -7.25 7.20
N CYS G 83 -34.66 -6.58 7.58
CA CYS G 83 -34.99 -6.38 9.05
C CYS G 83 -35.91 -7.56 9.38
N PHE G 84 -35.42 -8.49 10.20
CA PHE G 84 -36.20 -9.68 10.55
C PHE G 84 -36.73 -9.62 12.00
N ILE G 85 -37.88 -10.23 12.27
CA ILE G 85 -38.14 -10.65 13.69
C ILE G 85 -37.48 -11.98 13.83
N ASP G 86 -36.56 -12.07 14.81
CA ASP G 86 -35.83 -13.34 15.00
C ASP G 86 -36.70 -14.39 15.74
N ARG G 87 -36.12 -15.59 15.87
CA ARG G 87 -36.91 -16.66 16.50
C ARG G 87 -37.32 -16.30 17.93
N ASN G 88 -36.52 -15.52 18.59
CA ASN G 88 -36.88 -15.05 20.01
C ASN G 88 -37.75 -13.82 20.04
N GLY G 89 -38.16 -13.34 18.87
CA GLY G 89 -39.10 -12.18 18.83
C GLY G 89 -38.41 -10.82 18.79
N LYS G 90 -37.05 -10.75 18.82
CA LYS G 90 -36.33 -9.47 18.78
C LYS G 90 -36.20 -9.03 17.30
N GLU G 91 -36.08 -7.76 17.07
CA GLU G 91 -35.65 -7.27 15.77
C GLU G 91 -34.20 -7.56 15.53
N VAL G 92 -33.84 -7.93 14.31
CA VAL G 92 -32.42 -8.12 14.01
C VAL G 92 -32.23 -7.68 12.55
N LEU G 93 -31.13 -6.95 12.27
CA LEU G 93 -30.86 -6.66 10.85
C LEU G 93 -29.78 -7.67 10.40
N LYS G 94 -30.04 -8.40 9.31
CA LYS G 94 -29.00 -9.32 8.77
C LYS G 94 -28.57 -8.63 7.46
N THR G 95 -27.30 -8.25 7.40
CA THR G 95 -26.78 -7.45 6.24
C THR G 95 -25.53 -8.04 5.69
N MET G 96 -25.26 -7.67 4.48
CA MET G 96 -23.96 -7.87 3.81
C MET G 96 -23.48 -6.52 3.30
N TRP G 97 -22.17 -6.39 3.24
CA TRP G 97 -21.59 -5.09 2.88
C TRP G 97 -20.50 -5.20 1.88
N LEU G 98 -20.25 -4.09 1.18
CA LEU G 98 -19.06 -3.95 0.30
C LEU G 98 -18.38 -2.69 0.74
N LEU G 99 -17.05 -2.80 0.99
CA LEU G 99 -16.19 -1.64 1.39
C LEU G 99 -15.33 -1.34 0.19
N ARG G 100 -15.52 -0.17 -0.40
CA ARG G 100 -14.76 0.25 -1.56
C ARG G 100 -13.66 1.21 -1.13
N SER G 101 -12.43 0.81 -1.37
CA SER G 101 -11.26 1.76 -1.09
C SER G 101 -11.05 2.51 -2.40
N SER G 102 -10.35 3.67 -2.20
CA SER G 102 -9.85 4.44 -3.34
C SER G 102 -8.55 3.92 -3.91
N VAL G 103 -8.51 3.77 -5.21
CA VAL G 103 -7.21 3.39 -5.80
C VAL G 103 -6.78 4.58 -6.64
N ASN G 104 -5.46 4.62 -6.93
CA ASN G 104 -4.94 5.69 -7.77
C ASN G 104 -4.99 5.45 -9.27
N ASP G 105 -4.94 4.18 -9.67
CA ASP G 105 -4.94 3.83 -11.08
C ASP G 105 -6.03 2.81 -11.37
N ILE G 106 -6.69 2.95 -12.52
CA ILE G 106 -7.76 2.05 -12.84
C ILE G 106 -7.30 0.60 -12.92
N GLY G 107 -6.02 0.37 -13.20
CA GLY G 107 -5.53 -1.02 -13.23
C GLY G 107 -5.52 -1.67 -11.89
N ASP G 108 -5.65 -0.93 -10.81
CA ASP G 108 -5.68 -1.54 -9.50
C ASP G 108 -7.19 -1.67 -9.01
N ASP G 109 -8.16 -1.36 -9.90
CA ASP G 109 -9.61 -1.36 -9.41
C ASP G 109 -9.97 -2.83 -8.91
N TRP G 110 -9.39 -3.88 -9.51
CA TRP G 110 -9.76 -5.25 -9.14
C TRP G 110 -9.58 -5.52 -7.65
N LYS G 111 -8.68 -4.83 -6.90
CA LYS G 111 -8.44 -5.12 -5.55
C LYS G 111 -9.01 -4.16 -4.54
N ALA G 112 -9.93 -3.31 -5.03
CA ALA G 112 -10.48 -2.26 -4.24
C ALA G 112 -11.74 -2.57 -3.42
N THR G 113 -12.27 -3.79 -3.51
CA THR G 113 -13.56 -4.08 -2.84
C THR G 113 -13.49 -5.26 -1.87
N ARG G 114 -13.70 -4.98 -0.60
CA ARG G 114 -13.80 -6.08 0.45
C ARG G 114 -15.31 -6.32 0.64
N VAL G 115 -15.58 -7.55 1.16
CA VAL G 115 -17.00 -7.94 1.44
C VAL G 115 -17.04 -8.62 2.75
N GLY G 116 -18.26 -8.56 3.32
CA GLY G 116 -18.48 -9.29 4.64
C GLY G 116 -19.99 -9.16 5.06
N ILE G 117 -20.21 -9.69 6.26
CA ILE G 117 -21.52 -9.69 6.89
C ILE G 117 -21.51 -8.71 8.07
N ASN G 118 -22.75 -8.31 8.44
CA ASN G 118 -22.88 -7.63 9.79
C ASN G 118 -24.26 -7.96 10.27
N ILE G 119 -24.37 -8.33 11.56
CA ILE G 119 -25.66 -8.53 12.11
C ILE G 119 -25.86 -7.44 13.22
N PHE G 120 -26.97 -6.71 13.15
CA PHE G 120 -27.24 -5.66 14.13
C PHE G 120 -28.41 -5.98 15.04
N THR G 121 -28.24 -5.63 16.33
CA THR G 121 -29.37 -5.74 17.25
C THR G 121 -29.56 -4.37 17.93
N ARG G 122 -30.72 -4.12 18.48
CA ARG G 122 -30.96 -2.78 18.98
C ARG G 122 -30.24 -2.50 20.29
N LEU G 123 -29.77 -1.28 20.46
CA LEU G 123 -29.02 -0.92 21.72
C LEU G 123 -29.94 0.05 22.40
N LYS H 3 -12.66 16.20 -10.61
CA LYS H 3 -13.14 16.22 -11.98
C LYS H 3 -13.89 15.03 -12.60
N CYS H 4 -13.86 13.81 -12.04
CA CYS H 4 -14.87 12.78 -12.50
C CYS H 4 -16.12 13.04 -11.70
N SER H 5 -17.20 13.32 -12.47
CA SER H 5 -18.46 13.64 -11.83
C SER H 5 -19.48 12.52 -12.16
N LEU H 6 -20.25 12.26 -11.14
CA LEU H 6 -21.33 11.26 -11.27
C LEU H 6 -22.59 11.72 -12.00
N THR H 7 -22.72 13.05 -12.11
CA THR H 7 -23.94 13.60 -12.69
C THR H 7 -24.01 13.33 -14.14
N GLY H 8 -25.13 12.78 -14.61
CA GLY H 8 -25.27 12.47 -16.03
C GLY H 8 -26.21 11.30 -16.26
N LYS H 9 -26.33 10.87 -17.49
CA LYS H 9 -27.01 9.63 -17.86
C LYS H 9 -25.97 8.59 -18.24
N TRP H 10 -26.13 7.40 -17.64
CA TRP H 10 -25.08 6.29 -17.78
C TRP H 10 -25.78 5.09 -18.26
N THR H 11 -25.02 4.23 -18.94
CA THR H 11 -25.50 2.92 -19.33
C THR H 11 -24.42 1.87 -18.95
N ASN H 12 -24.88 0.71 -18.66
CA ASN H 12 -23.91 -0.27 -18.20
C ASN H 12 -23.81 -1.31 -19.16
N ASP H 13 -22.94 -2.29 -18.76
CA ASP H 13 -22.55 -3.25 -19.75
C ASP H 13 -23.64 -4.26 -20.13
N LEU H 14 -24.78 -4.36 -19.35
CA LEU H 14 -25.95 -5.11 -19.69
C LEU H 14 -27.14 -4.30 -20.33
N GLY H 15 -26.93 -3.02 -20.54
CA GLY H 15 -28.01 -2.31 -21.24
C GLY H 15 -28.89 -1.50 -20.32
N SER H 16 -28.65 -1.60 -19.01
CA SER H 16 -29.47 -0.78 -18.08
C SER H 16 -29.05 0.60 -18.13
N ASN H 17 -29.93 1.57 -17.89
CA ASN H 17 -29.50 2.94 -17.81
C ASN H 17 -29.78 3.55 -16.46
N MET H 18 -29.03 4.53 -16.06
CA MET H 18 -29.37 5.28 -14.86
C MET H 18 -29.11 6.76 -15.08
N THR H 19 -29.86 7.57 -14.35
CA THR H 19 -29.53 8.95 -14.30
C THR H 19 -29.14 9.39 -12.89
N ILE H 20 -28.18 10.29 -12.76
CA ILE H 20 -27.82 10.86 -11.45
C ILE H 20 -27.89 12.37 -11.63
N GLY H 21 -28.47 13.02 -10.64
CA GLY H 21 -28.56 14.46 -10.69
C GLY H 21 -27.38 15.13 -10.05
N ALA H 22 -27.50 16.43 -9.80
CA ALA H 22 -26.42 17.22 -9.20
C ALA H 22 -26.08 16.67 -7.82
N VAL H 23 -24.78 16.73 -7.56
CA VAL H 23 -24.26 16.26 -6.25
C VAL H 23 -24.11 17.45 -5.32
N ASN H 24 -24.73 17.40 -4.15
CA ASN H 24 -24.69 18.57 -3.23
C ASN H 24 -23.37 18.70 -2.49
N SER H 25 -23.25 19.76 -1.66
CA SER H 25 -21.93 19.97 -1.03
C SER H 25 -21.64 18.89 0.01
N ARG H 26 -22.69 18.20 0.49
CA ARG H 26 -22.51 17.03 1.40
C ARG H 26 -22.28 15.72 0.62
N GLY H 27 -22.13 15.77 -0.70
CA GLY H 27 -21.85 14.57 -1.52
C GLY H 27 -23.11 13.77 -1.79
N GLU H 28 -24.28 14.28 -1.49
CA GLU H 28 -25.50 13.50 -1.66
C GLU H 28 -26.07 13.68 -3.08
N PHE H 29 -26.59 12.58 -3.63
CA PHE H 29 -27.30 12.68 -4.94
C PHE H 29 -28.50 11.72 -4.97
N THR H 30 -29.38 12.01 -5.94
CA THR H 30 -30.54 11.19 -6.23
C THR H 30 -30.47 10.86 -7.71
N GLY H 31 -31.20 9.80 -8.09
CA GLY H 31 -31.12 9.31 -9.44
C GLY H 31 -32.32 8.45 -9.76
N THR H 32 -32.23 7.87 -10.97
CA THR H 32 -33.20 6.87 -11.42
C THR H 32 -32.44 5.67 -12.02
N TYR H 33 -33.08 4.51 -12.02
CA TYR H 33 -32.45 3.32 -12.61
C TYR H 33 -33.50 2.53 -13.32
N ILE H 34 -33.24 2.29 -14.61
CA ILE H 34 -34.10 1.48 -15.48
C ILE H 34 -33.31 0.25 -15.88
N THR H 35 -33.61 -0.85 -15.25
CA THR H 35 -32.80 -2.06 -15.47
C THR H 35 -33.29 -2.77 -16.77
N ALA H 36 -32.35 -3.35 -17.45
CA ALA H 36 -32.66 -4.09 -18.69
C ALA H 36 -32.84 -5.57 -18.32
N VAL H 37 -32.49 -5.99 -17.11
CA VAL H 37 -32.57 -7.40 -16.75
C VAL H 37 -33.26 -7.54 -15.36
N THR H 38 -33.78 -8.68 -14.98
CA THR H 38 -34.42 -8.72 -13.71
C THR H 38 -34.28 -10.13 -13.17
N ALA H 39 -34.44 -10.30 -11.83
CA ALA H 39 -34.49 -11.64 -11.26
C ALA H 39 -35.97 -11.98 -10.96
N THR H 40 -36.86 -11.02 -10.95
CA THR H 40 -38.34 -11.28 -10.81
C THR H 40 -39.08 -11.49 -12.12
N SER H 41 -40.25 -12.17 -12.09
CA SER H 41 -41.07 -12.12 -13.26
C SER H 41 -41.95 -10.86 -13.37
N ASN H 42 -41.94 -9.96 -12.36
CA ASN H 42 -42.72 -8.76 -12.40
C ASN H 42 -42.26 -7.79 -13.47
N GLU H 43 -43.19 -7.00 -14.04
CA GLU H 43 -42.82 -6.05 -15.11
C GLU H 43 -41.90 -4.98 -14.53
N ILE H 44 -40.83 -4.67 -15.26
CA ILE H 44 -39.89 -3.70 -14.79
C ILE H 44 -40.52 -2.32 -14.75
N LYS H 45 -40.17 -1.58 -13.72
CA LYS H 45 -40.51 -0.19 -13.57
C LYS H 45 -39.24 0.66 -13.26
N GLU H 46 -39.09 1.86 -13.82
CA GLU H 46 -38.04 2.77 -13.39
C GLU H 46 -38.15 3.01 -11.92
N SER H 47 -37.00 2.99 -11.24
CA SER H 47 -36.95 3.04 -9.79
C SER H 47 -35.92 4.06 -9.29
N PRO H 48 -36.14 4.63 -8.10
CA PRO H 48 -35.31 5.70 -7.58
C PRO H 48 -34.03 5.14 -6.95
N LEU H 49 -33.01 5.97 -6.97
CA LEU H 49 -31.76 5.65 -6.24
C LEU H 49 -31.29 6.83 -5.52
N HIS H 50 -30.59 6.60 -4.41
CA HIS H 50 -30.09 7.64 -3.57
C HIS H 50 -28.66 7.23 -3.10
N GLY H 51 -27.71 8.16 -3.05
CA GLY H 51 -26.37 7.75 -2.54
C GLY H 51 -25.50 8.94 -2.26
N THR H 52 -24.22 8.67 -2.10
CA THR H 52 -23.23 9.74 -1.75
C THR H 52 -21.96 9.42 -2.48
N GLN H 53 -21.28 10.52 -2.80
CA GLN H 53 -19.88 10.50 -3.29
C GLN H 53 -18.99 10.91 -2.11
N ASN H 54 -17.87 10.24 -1.96
CA ASN H 54 -16.90 10.57 -0.94
C ASN H 54 -16.06 11.79 -1.40
N THR H 55 -15.99 12.82 -0.52
CA THR H 55 -15.31 14.10 -0.89
C THR H 55 -13.98 14.30 -0.13
N ILE H 56 -13.49 13.24 0.48
CA ILE H 56 -12.25 13.43 1.36
C ILE H 56 -11.03 13.56 0.54
N ASN H 57 -10.25 14.62 0.89
CA ASN H 57 -9.05 15.00 0.06
C ASN H 57 -9.42 15.51 -1.37
N LYS H 58 -10.72 15.81 -1.55
CA LYS H 58 -11.31 16.27 -2.80
C LYS H 58 -10.74 15.57 -4.03
N ARG H 59 -10.81 14.25 -4.00
CA ARG H 59 -10.20 13.46 -5.06
C ARG H 59 -10.86 13.73 -6.44
N THR H 60 -10.06 13.71 -7.49
CA THR H 60 -10.57 13.81 -8.85
C THR H 60 -11.35 12.56 -9.22
N GLN H 61 -11.04 11.45 -8.55
CA GLN H 61 -11.65 10.17 -8.97
C GLN H 61 -12.30 9.57 -7.67
N PRO H 62 -13.43 10.11 -7.24
CA PRO H 62 -14.01 9.68 -5.98
C PRO H 62 -14.68 8.30 -5.91
N THR H 63 -14.62 7.77 -4.68
CA THR H 63 -15.54 6.57 -4.51
C THR H 63 -16.89 7.06 -4.15
N PHE H 64 -17.84 6.11 -4.23
CA PHE H 64 -19.29 6.51 -4.04
C PHE H 64 -20.07 5.22 -3.68
N GLY H 65 -21.30 5.43 -3.25
CA GLY H 65 -22.21 4.26 -3.18
C GLY H 65 -23.63 4.75 -3.35
N PHE H 66 -24.51 3.84 -3.77
CA PHE H 66 -25.90 4.19 -3.76
C PHE H 66 -26.78 2.98 -3.61
N THR H 67 -28.06 3.25 -3.30
CA THR H 67 -29.01 2.16 -3.12
C THR H 67 -30.12 2.34 -4.12
N VAL H 68 -30.52 1.29 -4.75
CA VAL H 68 -31.69 1.37 -5.76
C VAL H 68 -32.88 0.72 -5.05
N ASN H 69 -33.96 1.54 -4.89
CA ASN H 69 -35.09 1.06 -4.18
C ASN H 69 -36.17 0.56 -5.19
N TRP H 70 -36.06 -0.70 -5.56
CA TRP H 70 -36.84 -1.28 -6.70
C TRP H 70 -38.35 -1.10 -6.46
N LYS H 71 -39.04 -0.64 -7.53
CA LYS H 71 -40.50 -0.39 -7.35
C LYS H 71 -41.29 -1.48 -7.90
N PHE H 72 -40.71 -2.58 -8.30
CA PHE H 72 -41.43 -3.72 -8.91
C PHE H 72 -41.10 -5.06 -8.27
N SER H 73 -40.35 -5.01 -7.18
CA SER H 73 -40.04 -6.19 -6.37
C SER H 73 -39.78 -5.75 -4.94
N GLU H 74 -39.65 -6.70 -4.02
CA GLU H 74 -39.40 -6.43 -2.59
C GLU H 74 -37.89 -6.38 -2.38
N SER H 75 -37.10 -6.49 -3.43
CA SER H 75 -35.59 -6.49 -3.23
C SER H 75 -35.01 -5.09 -3.14
N THR H 76 -33.75 -5.08 -2.78
CA THR H 76 -32.94 -3.84 -2.79
C THR H 76 -31.58 -4.15 -3.39
N THR H 77 -31.01 -3.20 -4.17
CA THR H 77 -29.62 -3.42 -4.57
C THR H 77 -28.82 -2.26 -4.14
N VAL H 78 -27.58 -2.53 -3.72
CA VAL H 78 -26.62 -1.46 -3.39
C VAL H 78 -25.45 -1.59 -4.36
N PHE H 79 -24.91 -0.41 -4.81
CA PHE H 79 -23.71 -0.37 -5.70
C PHE H 79 -22.67 0.47 -5.01
N THR H 80 -21.40 0.10 -5.16
CA THR H 80 -20.31 0.99 -4.69
C THR H 80 -19.18 0.85 -5.69
N GLY H 81 -18.44 1.96 -5.79
CA GLY H 81 -17.32 1.94 -6.78
C GLY H 81 -16.56 3.26 -6.81
N GLN H 82 -15.94 3.47 -7.99
CA GLN H 82 -15.06 4.68 -8.11
C GLN H 82 -15.30 5.21 -9.55
N CYS H 83 -15.33 6.56 -9.63
CA CYS H 83 -15.45 7.26 -10.91
C CYS H 83 -13.93 7.48 -11.43
N PHE H 84 -13.64 6.92 -12.53
CA PHE H 84 -12.30 7.13 -13.22
C PHE H 84 -12.51 8.01 -14.46
N ILE H 85 -11.53 8.90 -14.67
CA ILE H 85 -11.64 9.88 -15.82
C ILE H 85 -10.24 9.91 -16.45
N ASP H 86 -10.20 9.83 -17.78
CA ASP H 86 -8.89 9.66 -18.46
C ASP H 86 -8.35 11.04 -18.91
N ARG H 87 -7.11 11.09 -19.43
CA ARG H 87 -6.60 12.41 -19.82
C ARG H 87 -7.58 13.20 -20.75
N ASN H 88 -8.33 12.52 -21.60
CA ASN H 88 -9.35 13.20 -22.44
C ASN H 88 -10.72 13.62 -21.79
N GLY H 89 -10.91 13.42 -20.47
CA GLY H 89 -12.22 13.68 -19.84
C GLY H 89 -13.32 12.60 -19.97
N LYS H 90 -12.98 11.44 -20.56
CA LYS H 90 -13.91 10.27 -20.67
C LYS H 90 -14.09 9.50 -19.31
N GLU H 91 -15.32 9.36 -18.86
CA GLU H 91 -15.50 8.83 -17.45
C GLU H 91 -15.96 7.39 -17.54
N VAL H 92 -15.67 6.62 -16.52
CA VAL H 92 -16.20 5.29 -16.37
C VAL H 92 -16.47 5.07 -14.87
N LEU H 93 -17.61 4.51 -14.53
CA LEU H 93 -17.82 4.13 -13.10
C LEU H 93 -17.52 2.59 -13.03
N LYS H 94 -16.58 2.21 -12.18
CA LYS H 94 -16.34 0.78 -11.97
C LYS H 94 -16.93 0.45 -10.60
N THR H 95 -17.88 -0.53 -10.62
CA THR H 95 -18.75 -0.78 -9.42
C THR H 95 -18.88 -2.27 -9.22
N MET H 96 -19.13 -2.52 -7.95
CA MET H 96 -19.66 -3.86 -7.57
C MET H 96 -21.01 -3.66 -6.85
N TRP H 97 -21.86 -4.70 -6.86
CA TRP H 97 -23.21 -4.55 -6.26
C TRP H 97 -23.56 -5.81 -5.46
N LEU H 98 -24.53 -5.59 -4.57
CA LEU H 98 -25.14 -6.70 -3.79
C LEU H 98 -26.64 -6.51 -4.12
N LEU H 99 -27.28 -7.57 -4.57
CA LEU H 99 -28.76 -7.68 -4.77
C LEU H 99 -29.37 -8.48 -3.64
N ARG H 100 -30.10 -7.84 -2.77
CA ARG H 100 -30.76 -8.52 -1.66
C ARG H 100 -32.21 -8.85 -2.01
N SER H 101 -32.50 -10.14 -2.06
CA SER H 101 -33.90 -10.65 -2.28
C SER H 101 -34.51 -10.63 -0.87
N SER H 102 -35.85 -10.61 -0.91
CA SER H 102 -36.65 -10.83 0.33
C SER H 102 -36.88 -12.29 0.60
N VAL H 103 -36.67 -12.73 1.82
CA VAL H 103 -37.05 -14.12 2.12
C VAL H 103 -38.08 -14.03 3.26
N ASN H 104 -38.93 -15.06 3.36
CA ASN H 104 -39.96 -14.93 4.38
C ASN H 104 -39.46 -15.48 5.70
N ASP H 105 -38.54 -16.42 5.68
CA ASP H 105 -38.03 -16.93 6.94
C ASP H 105 -36.56 -16.64 7.14
N ILE H 106 -36.21 -16.27 8.35
CA ILE H 106 -34.84 -15.92 8.70
C ILE H 106 -33.89 -17.10 8.48
N GLY H 107 -34.36 -18.34 8.53
CA GLY H 107 -33.53 -19.51 8.22
C GLY H 107 -32.99 -19.51 6.80
N ASP H 108 -33.65 -18.78 5.91
CA ASP H 108 -33.22 -18.70 4.53
C ASP H 108 -32.37 -17.47 4.22
N ASP H 109 -31.95 -16.72 5.24
CA ASP H 109 -31.17 -15.51 4.99
C ASP H 109 -29.90 -15.79 4.20
N TRP H 110 -29.24 -16.94 4.42
CA TRP H 110 -28.01 -17.32 3.77
C TRP H 110 -28.14 -17.26 2.24
N LYS H 111 -29.34 -17.46 1.66
CA LYS H 111 -29.37 -17.51 0.20
C LYS H 111 -29.90 -16.28 -0.47
N ALA H 112 -29.98 -15.21 0.35
CA ALA H 112 -30.68 -14.02 -0.14
C ALA H 112 -29.85 -12.96 -0.84
N THR H 113 -28.53 -13.13 -0.91
CA THR H 113 -27.67 -12.04 -1.43
C THR H 113 -26.76 -12.48 -2.57
N ARG H 114 -27.08 -11.88 -3.75
CA ARG H 114 -26.27 -12.10 -4.98
C ARG H 114 -25.26 -10.96 -5.08
N VAL H 115 -24.13 -11.28 -5.75
CA VAL H 115 -23.12 -10.20 -5.95
C VAL H 115 -22.65 -10.27 -7.40
N GLY H 116 -22.14 -9.12 -7.85
CA GLY H 116 -21.57 -8.97 -9.21
C GLY H 116 -20.95 -7.56 -9.40
N ILE H 117 -20.54 -7.38 -10.65
CA ILE H 117 -19.91 -6.10 -11.04
C ILE H 117 -20.77 -5.42 -12.08
N ASN H 118 -20.45 -4.11 -12.27
CA ASN H 118 -20.99 -3.40 -13.43
C ASN H 118 -20.08 -2.28 -13.77
N ILE H 119 -19.93 -2.09 -15.10
CA ILE H 119 -19.20 -0.91 -15.53
C ILE H 119 -20.21 0.03 -16.23
N PHE H 120 -20.23 1.27 -15.77
CA PHE H 120 -21.12 2.26 -16.47
C PHE H 120 -20.25 3.25 -17.25
N THR H 121 -20.81 3.64 -18.41
CA THR H 121 -20.20 4.76 -19.16
C THR H 121 -21.29 5.78 -19.44
N ARG H 122 -20.88 7.00 -19.72
CA ARG H 122 -21.82 8.10 -19.89
C ARG H 122 -22.51 7.96 -21.26
N LEU H 123 -23.81 8.20 -21.28
CA LEU H 123 -24.68 8.00 -22.43
C LEU H 123 -25.14 9.43 -22.52
#